data_8TFQ
#
_entry.id   8TFQ
#
_cell.length_a   71.288
_cell.length_b   73.354
_cell.length_c   95.197
_cell.angle_alpha   90.00
_cell.angle_beta   90.53
_cell.angle_gamma   90.00
#
_symmetry.space_group_name_H-M   'P 1 21 1'
#
loop_
_entity.id
_entity.type
_entity.pdbx_description
1 polymer 'Light chain from Fab of C10_S66K antibody'
2 polymer 'Heavy chain from Fab of C10_S66K antibody'
3 non-polymer N-phenyl-N-[1-(2-phenylethyl)piperidin-4-yl]propanamide
4 water water
#
loop_
_entity_poly.entity_id
_entity_poly.type
_entity_poly.pdbx_seq_one_letter_code
_entity_poly.pdbx_strand_id
1 'polypeptide(L)'
;SYELTQPPSVSVSPGQTARITCSGDTLPKRSGYWYQQKPDQAPLLVINKDTERPSGIPERFSGSKSGTTVTLTISGVQAE
DEADYYCQSADSSFTYPSFGGGTKLTVLGQPKAAPSVTLFPPSSEELQANKATLVCLISDFYPGAVTVAWKADSSPVKAG
VETTTPSKQSNNKYAASSYLSLTPEQWKSHRSYSCQVTHEGSTVEKTVAPTECS
;
A,L
2 'polypeptide(L)'
;QVQLQESGPGLVKPSGTLSLTCTVSGGFISSRNWWSWVRQPPGKGLEWIGEVYHTGITNYNPSLKSRVTISVDKSKNQFS
LKLSSVTAADTAVYYCAREVVGPTTGYFDLWGRGTLVTIVSRRLPPSVFPLAPSSKSTSGGTAALGCLVKDYFPEPVTVS
WNSGALTSGVHTFPAVLQSSGLYSLSSVVTVPSSSLGTQTYICNVNHKPSNTKVDKKVEPKSC
;
B,H
#
loop_
_chem_comp.id
_chem_comp.type
_chem_comp.name
_chem_comp.formula
7V7 non-polymer N-phenyl-N-[1-(2-phenylethyl)piperidin-4-yl]propanamide 'C22 H28 N2 O'
#
# COMPACT_ATOMS: atom_id res chain seq x y z
N GLU A 3 0.57 14.61 46.76
CA GLU A 3 1.11 15.27 45.57
C GLU A 3 2.48 15.86 45.82
N LEU A 4 3.35 15.69 44.83
CA LEU A 4 4.71 16.22 44.85
C LEU A 4 4.80 17.32 43.80
N THR A 5 5.48 18.41 44.18
CA THR A 5 5.61 19.60 43.35
C THR A 5 7.07 19.82 43.03
N GLN A 6 7.40 19.83 41.74
CA GLN A 6 8.74 20.27 41.38
C GLN A 6 8.61 21.28 40.24
N PRO A 7 9.60 22.15 40.06
CA PRO A 7 9.50 23.17 39.01
C PRO A 7 9.63 22.54 37.63
N PRO A 8 8.90 23.03 36.63
CA PRO A 8 8.99 22.38 35.30
C PRO A 8 10.35 22.53 34.65
N SER A 9 11.11 23.57 34.97
CA SER A 9 12.37 23.75 34.28
C SER A 9 13.38 24.49 35.15
N VAL A 10 14.64 24.13 34.97
CA VAL A 10 15.80 24.77 35.60
C VAL A 10 16.86 24.88 34.52
N SER A 11 17.57 26.02 34.45
CA SER A 11 18.62 26.17 33.45
C SER A 11 19.88 26.69 34.14
N VAL A 12 21.02 26.15 33.72
CA VAL A 12 22.30 26.38 34.39
C VAL A 12 23.37 26.50 33.31
N SER A 13 24.42 27.22 33.63
CA SER A 13 25.52 27.29 32.69
C SER A 13 26.54 26.23 33.02
N PRO A 14 27.31 25.78 32.03
CA PRO A 14 28.27 24.70 32.29
C PRO A 14 29.16 25.05 33.47
N GLY A 15 29.48 24.04 34.27
CA GLY A 15 30.28 24.22 35.46
C GLY A 15 29.55 24.77 36.67
N GLN A 16 28.38 25.40 36.51
CA GLN A 16 27.61 25.94 37.64
C GLN A 16 26.93 24.80 38.41
N THR A 17 26.26 25.18 39.50
CA THR A 17 25.51 24.26 40.36
C THR A 17 24.02 24.37 40.08
N ALA A 18 23.40 23.22 39.77
CA ALA A 18 21.97 23.14 39.57
C ALA A 18 21.30 22.61 40.84
N ARG A 19 20.18 23.23 41.19
CA ARG A 19 19.38 22.84 42.36
C ARG A 19 17.97 22.56 41.86
N ILE A 20 17.47 21.36 42.12
CA ILE A 20 16.10 21.01 41.76
C ILE A 20 15.39 20.61 43.05
N THR A 21 14.33 21.33 43.39
CA THR A 21 13.57 21.01 44.60
C THR A 21 12.31 20.21 44.29
N CYS A 22 11.85 19.52 45.32
CA CYS A 22 10.64 18.71 45.30
C CYS A 22 9.95 18.93 46.65
N SER A 23 8.66 19.26 46.62
N SER A 23 8.68 19.32 46.64
CA SER A 23 7.97 19.57 47.86
CA SER A 23 7.98 19.59 47.88
C SER A 23 6.73 18.70 48.01
C SER A 23 6.73 18.73 48.01
N GLY A 24 6.50 18.24 49.22
CA GLY A 24 5.30 17.47 49.50
C GLY A 24 5.25 17.04 50.96
N ASP A 25 4.03 16.97 51.48
CA ASP A 25 3.86 16.70 52.89
C ASP A 25 4.28 15.29 53.28
N THR A 26 4.35 14.34 52.30
CA THR A 26 4.78 12.98 52.63
C THR A 26 6.29 12.79 52.72
N LEU A 27 7.10 13.76 52.32
CA LEU A 27 8.52 13.47 52.23
C LEU A 27 9.15 13.09 53.57
N PRO A 28 8.80 13.70 54.70
CA PRO A 28 9.41 13.26 55.97
C PRO A 28 9.23 11.78 56.26
N LYS A 29 8.03 11.25 56.08
CA LYS A 29 7.84 9.84 56.49
C LYS A 29 8.16 8.87 55.36
N ARG A 30 7.85 9.23 54.12
CA ARG A 30 7.97 8.32 53.01
C ARG A 30 9.26 8.54 52.22
N SER A 31 10.05 9.56 52.54
N SER A 31 9.99 9.61 52.50
CA SER A 31 11.30 9.93 51.87
CA SER A 31 11.29 9.97 51.91
C SER A 31 11.14 10.29 50.41
C SER A 31 11.16 10.23 50.42
N GLY A 32 12.24 10.76 49.82
CA GLY A 32 12.24 11.12 48.41
C GLY A 32 13.34 10.38 47.67
N TYR A 33 13.07 10.08 46.39
CA TYR A 33 14.00 9.37 45.55
C TYR A 33 14.07 10.15 44.25
N TRP A 34 15.25 10.25 43.64
CA TRP A 34 15.42 11.03 42.42
C TRP A 34 15.83 10.16 41.27
N TYR A 35 15.19 10.40 40.11
CA TYR A 35 15.52 9.68 38.89
C TYR A 35 15.91 10.66 37.82
N GLN A 36 16.87 10.25 37.00
CA GLN A 36 17.23 11.01 35.80
C GLN A 36 16.70 10.26 34.59
N GLN A 37 16.16 10.99 33.60
CA GLN A 37 15.64 10.30 32.41
C GLN A 37 16.04 11.05 31.16
N LYS A 38 16.75 10.37 30.29
CA LYS A 38 17.11 10.95 29.00
C LYS A 38 16.23 10.41 27.89
N PRO A 39 16.21 11.07 26.72
CA PRO A 39 15.25 10.66 25.67
C PRO A 39 15.42 9.20 25.28
N ASP A 40 14.28 8.52 25.10
CA ASP A 40 14.24 7.12 24.65
C ASP A 40 14.89 6.15 25.64
N GLN A 41 14.97 6.53 26.92
CA GLN A 41 15.60 5.69 27.93
C GLN A 41 14.69 5.61 29.15
N ALA A 42 14.85 4.52 29.92
CA ALA A 42 14.10 4.44 31.16
C ALA A 42 14.75 5.34 32.21
N PRO A 43 14.00 5.67 33.26
CA PRO A 43 14.57 6.47 34.34
C PRO A 43 15.70 5.72 35.04
N LEU A 44 16.62 6.48 35.62
CA LEU A 44 17.76 5.93 36.33
C LEU A 44 17.80 6.56 37.71
N LEU A 45 17.86 5.73 38.75
CA LEU A 45 17.92 6.28 40.12
C LEU A 45 19.26 6.95 40.35
N VAL A 46 19.26 8.23 40.72
CA VAL A 46 20.51 8.92 40.99
C VAL A 46 20.65 9.25 42.46
N ILE A 47 19.56 9.34 43.21
CA ILE A 47 19.64 9.61 44.64
C ILE A 47 18.61 8.74 45.33
N ASN A 48 19.06 7.93 46.30
CA ASN A 48 18.22 6.96 47.00
C ASN A 48 17.94 7.47 48.42
N LYS A 49 16.68 7.42 48.85
CA LYS A 49 16.30 7.76 50.22
C LYS A 49 16.92 9.08 50.68
N ASP A 50 16.60 10.14 49.93
CA ASP A 50 16.93 11.53 50.22
C ASP A 50 18.37 11.93 49.95
N THR A 51 19.34 11.13 50.44
CA THR A 51 20.74 11.57 50.48
C THR A 51 21.76 10.55 50.00
N GLU A 52 21.37 9.31 49.70
CA GLU A 52 22.34 8.27 49.36
C GLU A 52 22.59 8.27 47.87
N ARG A 53 23.86 8.19 47.47
CA ARG A 53 24.21 8.18 46.04
C ARG A 53 24.58 6.75 45.65
N PRO A 54 23.88 6.15 44.69
CA PRO A 54 24.21 4.78 44.28
C PRO A 54 25.63 4.72 43.70
N SER A 55 26.27 3.55 43.80
CA SER A 55 27.72 3.48 43.55
C SER A 55 28.09 3.88 42.13
N GLY A 56 27.22 3.65 41.15
CA GLY A 56 27.70 4.03 39.83
C GLY A 56 27.46 5.47 39.43
N ILE A 57 26.94 6.29 40.32
CA ILE A 57 26.48 7.63 39.99
C ILE A 57 27.62 8.62 40.25
N PRO A 58 27.88 9.56 39.34
CA PRO A 58 29.02 10.47 39.55
C PRO A 58 28.89 11.28 40.83
N GLU A 59 30.06 11.56 41.42
CA GLU A 59 30.14 12.26 42.69
C GLU A 59 29.50 13.65 42.69
N ARG A 60 29.35 14.29 41.53
CA ARG A 60 28.74 15.62 41.52
C ARG A 60 27.22 15.62 41.81
N PHE A 61 26.57 14.46 41.88
CA PHE A 61 25.16 14.39 42.26
C PHE A 61 25.06 14.22 43.77
N SER A 62 24.19 15.02 44.41
CA SER A 62 23.99 14.87 45.85
C SER A 62 22.54 15.25 46.15
N GLY A 63 22.07 14.84 47.32
CA GLY A 63 20.71 15.13 47.72
C GLY A 63 20.72 15.67 49.13
N SER A 64 19.69 16.44 49.43
CA SER A 64 19.52 16.98 50.78
C SER A 64 18.04 16.88 51.15
N LYS A 65 17.76 16.94 52.45
CA LYS A 65 16.36 16.95 52.85
C LYS A 65 16.17 18.13 53.79
N SER A 66 14.98 18.72 53.69
CA SER A 66 14.53 19.87 54.45
C SER A 66 13.04 19.69 54.77
N GLY A 67 12.73 18.71 55.61
CA GLY A 67 11.36 18.46 55.99
C GLY A 67 10.47 18.13 54.82
N THR A 68 9.53 19.04 54.46
CA THR A 68 8.60 18.74 53.38
C THR A 68 9.14 19.19 52.02
N THR A 69 10.44 19.45 51.97
CA THR A 69 11.16 19.63 50.71
C THR A 69 12.41 18.75 50.71
N VAL A 70 12.77 18.29 49.50
CA VAL A 70 14.04 17.56 49.29
C VAL A 70 14.68 18.20 48.04
N THR A 71 16.00 18.14 47.96
CA THR A 71 16.68 18.84 46.83
C THR A 71 17.76 17.97 46.17
N LEU A 72 17.76 17.98 44.85
CA LEU A 72 18.84 17.31 44.09
C LEU A 72 19.78 18.42 43.66
N THR A 73 21.05 18.22 43.92
CA THR A 73 22.04 19.23 43.59
C THR A 73 23.05 18.56 42.70
N ILE A 74 23.35 19.20 41.59
CA ILE A 74 24.37 18.73 40.66
C ILE A 74 25.43 19.83 40.60
N SER A 75 26.62 19.52 41.11
CA SER A 75 27.72 20.48 41.07
C SER A 75 28.47 20.31 39.76
N GLY A 76 29.09 21.40 39.30
CA GLY A 76 29.88 21.35 38.09
C GLY A 76 29.12 20.70 36.96
N VAL A 77 27.95 21.27 36.64
CA VAL A 77 27.04 20.62 35.69
C VAL A 77 27.77 20.47 34.38
N GLN A 78 27.56 19.33 33.73
CA GLN A 78 28.08 19.06 32.40
C GLN A 78 26.94 18.97 31.40
N ALA A 79 27.30 19.14 30.13
CA ALA A 79 26.31 19.00 29.06
C ALA A 79 25.57 17.67 29.15
N GLU A 80 26.28 16.61 29.53
CA GLU A 80 25.66 15.29 29.60
C GLU A 80 24.58 15.21 30.69
N ASP A 81 24.48 16.19 31.58
CA ASP A 81 23.47 16.14 32.65
C ASP A 81 22.11 16.64 32.18
N GLU A 82 22.01 17.19 30.97
CA GLU A 82 20.73 17.68 30.48
C GLU A 82 19.78 16.49 30.34
N ALA A 83 18.62 16.58 30.98
CA ALA A 83 17.73 15.42 31.13
C ALA A 83 16.52 15.92 31.90
N ASP A 84 15.48 15.08 31.99
CA ASP A 84 14.40 15.27 32.94
C ASP A 84 14.71 14.61 34.26
N TYR A 85 14.31 15.25 35.35
CA TYR A 85 14.59 14.71 36.68
C TYR A 85 13.26 14.59 37.38
N TYR A 86 12.99 13.41 37.97
CA TYR A 86 11.73 13.16 38.66
C TYR A 86 11.99 12.87 40.13
N CYS A 87 11.18 13.46 40.99
CA CYS A 87 11.23 13.04 42.39
C CYS A 87 10.05 12.11 42.63
N GLN A 88 10.24 11.23 43.59
CA GLN A 88 9.24 10.17 43.83
C GLN A 88 9.12 9.94 45.33
N SER A 89 7.88 9.77 45.80
CA SER A 89 7.69 9.45 47.21
C SER A 89 6.55 8.43 47.29
N ALA A 90 5.76 8.48 48.35
CA ALA A 90 4.57 7.63 48.48
C ALA A 90 3.53 8.42 49.25
N ASP A 91 2.27 7.98 49.11
CA ASP A 91 1.17 8.71 49.76
C ASP A 91 1.16 8.47 51.27
N SER A 92 0.30 9.21 51.95
CA SER A 92 0.38 9.22 53.40
C SER A 92 -0.08 7.89 53.99
N SER A 93 -0.91 7.14 53.26
CA SER A 93 -1.37 5.83 53.69
C SER A 93 -0.42 4.70 53.26
N PHE A 94 0.71 5.03 52.62
CA PHE A 94 1.63 4.04 52.03
C PHE A 94 0.83 2.99 51.25
N THR A 95 0.05 3.49 50.32
CA THR A 95 -0.61 2.60 49.38
C THR A 95 -0.06 2.73 47.98
N TYR A 96 0.35 3.91 47.55
CA TYR A 96 0.87 4.01 46.19
C TYR A 96 2.01 5.01 46.11
N PRO A 97 2.88 4.88 45.12
CA PRO A 97 3.93 5.88 44.87
C PRO A 97 3.32 7.18 44.39
N SER A 98 4.08 8.25 44.58
CA SER A 98 3.74 9.53 44.00
C SER A 98 4.95 9.99 43.22
N PHE A 99 4.71 10.65 42.12
CA PHE A 99 5.77 11.23 41.30
C PHE A 99 5.55 12.73 41.18
N GLY A 100 6.64 13.48 41.15
CA GLY A 100 6.53 14.86 40.72
C GLY A 100 6.35 14.90 39.22
N GLY A 101 5.97 16.08 38.73
CA GLY A 101 5.77 16.32 37.29
C GLY A 101 7.03 16.25 36.44
N GLY A 102 8.21 16.29 37.05
CA GLY A 102 9.45 16.27 36.30
C GLY A 102 9.99 17.68 36.13
N THR A 103 11.31 17.78 36.12
CA THR A 103 12.01 19.04 35.89
C THR A 103 12.94 18.82 34.72
N LYS A 104 12.76 19.59 33.64
CA LYS A 104 13.74 19.57 32.57
C LYS A 104 14.94 20.45 32.94
N LEU A 105 16.13 19.87 32.99
CA LEU A 105 17.33 20.67 33.21
C LEU A 105 17.94 21.00 31.85
N THR A 106 18.06 22.28 31.55
CA THR A 106 18.70 22.72 30.32
C THR A 106 20.07 23.30 30.67
N VAL A 107 21.07 22.92 29.88
CA VAL A 107 22.44 23.40 30.08
C VAL A 107 22.72 24.44 28.99
N LEU A 108 22.98 25.67 29.41
CA LEU A 108 23.15 26.79 28.49
C LEU A 108 24.59 26.85 27.99
N GLY A 109 24.86 27.85 27.16
CA GLY A 109 26.23 28.16 26.77
C GLY A 109 26.89 27.21 25.80
N GLN A 110 26.13 26.58 24.91
CA GLN A 110 26.74 25.87 23.79
C GLN A 110 27.27 26.89 22.77
N PRO A 111 28.30 26.50 22.00
CA PRO A 111 28.84 27.45 21.00
C PRO A 111 27.89 27.67 19.83
N LYS A 112 27.88 28.90 19.31
CA LYS A 112 27.01 29.18 18.16
C LYS A 112 27.43 28.32 16.97
N ALA A 113 26.46 27.92 16.15
CA ALA A 113 26.77 27.07 15.02
C ALA A 113 25.79 27.41 13.89
N ALA A 114 26.34 27.70 12.68
CA ALA A 114 25.44 28.11 11.62
C ALA A 114 24.79 26.88 10.98
N PRO A 115 23.59 27.01 10.45
CA PRO A 115 22.91 25.82 9.90
C PRO A 115 23.50 25.34 8.60
N SER A 116 23.42 24.03 8.39
CA SER A 116 23.51 23.45 7.06
C SER A 116 22.11 23.27 6.48
N VAL A 117 21.99 23.44 5.17
CA VAL A 117 20.70 23.45 4.49
C VAL A 117 20.77 22.53 3.30
N THR A 118 19.79 21.62 3.16
CA THR A 118 19.64 20.80 1.98
C THR A 118 18.24 20.99 1.46
N LEU A 119 18.11 21.18 0.14
CA LEU A 119 16.81 21.43 -0.48
C LEU A 119 16.57 20.38 -1.55
N PHE A 120 15.44 19.67 -1.45
CA PHE A 120 15.13 18.66 -2.43
C PHE A 120 13.93 19.09 -3.27
N PRO A 121 13.98 18.85 -4.58
CA PRO A 121 12.80 19.06 -5.43
C PRO A 121 11.81 17.90 -5.30
N PRO A 122 10.64 18.05 -5.90
CA PRO A 122 9.69 16.93 -5.95
C PRO A 122 10.27 15.73 -6.68
N SER A 123 10.00 14.55 -6.13
CA SER A 123 10.32 13.30 -6.80
C SER A 123 9.42 13.07 -8.01
N SER A 124 9.93 12.32 -8.98
CA SER A 124 9.11 12.03 -10.16
C SER A 124 7.86 11.24 -9.75
N GLU A 125 8.01 10.34 -8.78
CA GLU A 125 6.89 9.56 -8.26
C GLU A 125 5.79 10.49 -7.74
N GLU A 126 6.18 11.50 -6.97
CA GLU A 126 5.16 12.42 -6.46
C GLU A 126 4.46 13.14 -7.60
N LEU A 127 5.23 13.64 -8.59
CA LEU A 127 4.63 14.38 -9.69
C LEU A 127 3.62 13.52 -10.45
N GLN A 128 3.92 12.23 -10.60
CA GLN A 128 2.98 11.33 -11.24
C GLN A 128 1.71 11.17 -10.44
N ALA A 129 1.75 11.43 -9.14
CA ALA A 129 0.56 11.41 -8.29
C ALA A 129 -0.12 12.77 -8.27
N ASN A 130 0.31 13.67 -9.17
CA ASN A 130 -0.29 14.99 -9.31
C ASN A 130 -0.09 15.80 -8.03
N LYS A 131 1.07 15.65 -7.40
CA LYS A 131 1.38 16.41 -6.19
C LYS A 131 2.83 16.87 -6.33
N ALA A 132 3.20 17.89 -5.54
CA ALA A 132 4.58 18.35 -5.54
C ALA A 132 4.94 18.88 -4.16
N THR A 133 6.04 18.40 -3.58
CA THR A 133 6.50 18.92 -2.30
C THR A 133 7.98 19.24 -2.41
N LEU A 134 8.38 20.44 -2.01
CA LEU A 134 9.79 20.77 -1.82
C LEU A 134 10.12 20.65 -0.35
N VAL A 135 11.30 20.11 -0.05
CA VAL A 135 11.69 19.73 1.31
C VAL A 135 13.01 20.44 1.61
N CYS A 136 12.98 21.32 2.59
CA CYS A 136 14.16 22.07 3.05
C CYS A 136 14.56 21.57 4.42
N LEU A 137 15.74 20.97 4.52
CA LEU A 137 16.20 20.36 5.78
C LEU A 137 17.33 21.19 6.35
N ILE A 138 17.23 21.55 7.63
CA ILE A 138 18.12 22.53 8.27
C ILE A 138 18.73 21.88 9.51
N SER A 139 20.05 21.83 9.59
CA SER A 139 20.62 21.02 10.69
C SER A 139 21.84 21.71 11.29
N ASP A 140 22.18 21.24 12.50
CA ASP A 140 23.43 21.58 13.18
C ASP A 140 23.58 23.08 13.48
N PHE A 141 22.48 23.72 13.89
CA PHE A 141 22.55 25.13 14.26
C PHE A 141 22.34 25.31 15.76
N TYR A 142 22.80 26.46 16.24
CA TYR A 142 22.63 26.93 17.62
C TYR A 142 22.86 28.44 17.67
N PRO A 143 21.99 29.23 18.32
CA PRO A 143 20.79 28.78 19.06
C PRO A 143 19.64 28.25 18.19
N GLY A 144 18.59 27.78 18.86
CA GLY A 144 17.51 27.03 18.23
C GLY A 144 16.39 27.88 17.69
N ALA A 145 16.73 28.96 17.00
CA ALA A 145 15.80 29.85 16.34
C ALA A 145 16.28 30.08 14.92
N VAL A 146 15.41 29.84 13.95
N VAL A 146 15.42 29.83 13.94
CA VAL A 146 15.69 30.11 12.55
CA VAL A 146 15.71 30.12 12.54
C VAL A 146 14.41 30.62 11.89
C VAL A 146 14.42 30.60 11.88
N THR A 147 14.58 31.34 10.78
CA THR A 147 13.43 31.74 9.97
C THR A 147 13.65 31.20 8.58
N VAL A 148 12.57 30.71 7.98
CA VAL A 148 12.63 30.16 6.64
C VAL A 148 11.77 31.00 5.75
N ALA A 149 12.28 31.36 4.60
CA ALA A 149 11.53 32.08 3.58
C ALA A 149 11.63 31.32 2.26
N TRP A 150 10.51 31.12 1.60
CA TRP A 150 10.49 30.48 0.29
C TRP A 150 10.28 31.52 -0.80
N LYS A 151 10.89 31.26 -1.97
CA LYS A 151 10.76 32.11 -3.17
C LYS A 151 10.43 31.25 -4.38
N ALA A 152 9.48 31.74 -5.18
CA ALA A 152 9.22 31.23 -6.53
C ALA A 152 9.89 32.20 -7.50
N ASP A 153 10.91 31.71 -8.21
CA ASP A 153 11.83 32.61 -8.88
C ASP A 153 12.42 33.53 -7.81
N SER A 154 12.08 34.82 -7.82
CA SER A 154 12.54 35.71 -6.74
C SER A 154 11.38 36.36 -5.99
N SER A 155 10.15 35.87 -6.18
CA SER A 155 9.01 36.39 -5.45
C SER A 155 8.68 35.51 -4.24
N PRO A 156 8.32 36.14 -3.13
CA PRO A 156 8.08 35.39 -1.89
C PRO A 156 6.83 34.53 -1.98
N VAL A 157 6.94 33.29 -1.50
CA VAL A 157 5.80 32.37 -1.42
C VAL A 157 5.42 32.22 0.05
N LYS A 158 4.14 32.42 0.36
CA LYS A 158 3.68 32.27 1.73
C LYS A 158 2.76 31.08 1.94
N ALA A 159 1.85 30.82 1.00
CA ALA A 159 0.89 29.75 1.19
C ALA A 159 1.54 28.40 0.89
N GLY A 160 1.03 27.36 1.53
CA GLY A 160 1.55 26.02 1.32
C GLY A 160 2.81 25.68 2.09
N VAL A 161 3.18 26.46 3.09
CA VAL A 161 4.42 26.28 3.84
C VAL A 161 4.12 25.62 5.18
N GLU A 162 4.85 24.56 5.51
CA GLU A 162 4.79 23.98 6.85
C GLU A 162 6.20 23.84 7.41
N THR A 163 6.46 24.46 8.55
CA THR A 163 7.80 24.45 9.18
C THR A 163 7.73 23.96 10.61
N THR A 164 8.66 23.06 10.98
CA THR A 164 8.69 22.52 12.33
C THR A 164 9.32 23.54 13.27
N THR A 165 9.02 23.41 14.54
CA THR A 165 9.80 24.21 15.47
C THR A 165 11.11 23.49 15.75
N PRO A 166 12.22 24.22 15.81
CA PRO A 166 13.53 23.55 15.96
C PRO A 166 13.52 22.63 17.16
N SER A 167 14.25 21.52 17.05
CA SER A 167 14.33 20.49 18.08
C SER A 167 15.79 20.07 18.26
N LYS A 168 16.14 19.66 19.48
CA LYS A 168 17.54 19.36 19.78
C LYS A 168 17.93 17.99 19.23
N GLN A 169 19.08 17.95 18.52
CA GLN A 169 19.64 16.71 17.99
C GLN A 169 20.46 15.99 19.08
N SER A 170 21.09 14.86 18.68
CA SER A 170 21.90 14.08 19.61
C SER A 170 23.16 14.83 20.02
N ASN A 171 23.74 15.60 19.09
CA ASN A 171 24.95 16.35 19.36
C ASN A 171 24.68 17.73 19.96
N ASN A 172 23.48 17.94 20.50
CA ASN A 172 23.06 19.15 21.20
C ASN A 172 22.89 20.38 20.31
N LYS A 173 23.03 20.25 19.00
CA LYS A 173 22.60 21.31 18.10
C LYS A 173 21.18 20.99 17.62
N TYR A 174 20.56 21.97 16.97
CA TYR A 174 19.15 21.90 16.63
C TYR A 174 18.94 21.50 15.17
N ALA A 175 17.75 21.00 14.89
CA ALA A 175 17.37 20.66 13.51
C ALA A 175 15.96 21.17 13.29
N ALA A 176 15.67 21.50 12.02
CA ALA A 176 14.32 21.90 11.65
C ALA A 176 14.11 21.51 10.21
N SER A 177 12.83 21.53 9.79
CA SER A 177 12.54 21.22 8.39
C SER A 177 11.36 22.06 7.95
N SER A 178 11.31 22.32 6.65
CA SER A 178 10.27 23.16 6.10
C SER A 178 9.81 22.54 4.80
N TYR A 179 8.49 22.48 4.62
CA TYR A 179 7.91 21.80 3.48
C TYR A 179 7.05 22.78 2.71
N LEU A 180 7.25 22.85 1.40
CA LEU A 180 6.45 23.71 0.53
C LEU A 180 5.62 22.83 -0.38
N SER A 181 4.29 22.92 -0.26
CA SER A 181 3.38 22.21 -1.16
C SER A 181 3.01 23.07 -2.36
N LEU A 182 3.07 22.46 -3.55
CA LEU A 182 2.81 23.11 -4.81
C LEU A 182 1.93 22.22 -5.66
N THR A 183 1.28 22.82 -6.67
CA THR A 183 0.77 21.92 -7.70
C THR A 183 1.90 21.64 -8.69
N PRO A 184 1.84 20.54 -9.41
CA PRO A 184 2.84 20.31 -10.46
C PRO A 184 2.86 21.41 -11.51
N GLU A 185 1.71 22.07 -11.73
CA GLU A 185 1.65 23.19 -12.67
C GLU A 185 2.47 24.37 -12.15
N GLN A 186 2.31 24.72 -10.87
CA GLN A 186 3.18 25.72 -10.26
C GLN A 186 4.66 25.33 -10.41
N TRP A 187 4.99 24.09 -10.04
CA TRP A 187 6.39 23.67 -10.07
C TRP A 187 6.99 23.87 -11.46
N LYS A 188 6.33 23.36 -12.52
CA LYS A 188 6.93 23.44 -13.84
C LYS A 188 6.93 24.87 -14.42
N SER A 189 6.00 25.71 -13.99
N SER A 189 6.01 25.73 -13.98
CA SER A 189 5.88 27.05 -14.59
CA SER A 189 5.88 27.04 -14.61
C SER A 189 7.11 27.90 -14.30
C SER A 189 7.06 27.96 -14.29
N HIS A 190 7.55 27.94 -13.04
CA HIS A 190 8.62 28.86 -12.65
C HIS A 190 10.00 28.34 -13.02
N ARG A 191 10.96 29.26 -13.08
CA ARG A 191 12.33 28.90 -13.41
C ARG A 191 13.01 28.16 -12.26
N SER A 192 12.66 28.51 -11.03
CA SER A 192 13.28 27.82 -9.90
C SER A 192 12.49 28.12 -8.65
N TYR A 193 12.83 27.42 -7.57
CA TYR A 193 12.36 27.76 -6.23
C TYR A 193 13.54 27.73 -5.28
N SER A 194 13.46 28.54 -4.22
CA SER A 194 14.54 28.68 -3.26
C SER A 194 14.03 28.63 -1.83
N CYS A 195 14.84 28.03 -0.96
CA CYS A 195 14.66 28.05 0.48
C CYS A 195 15.75 28.96 1.04
N GLN A 196 15.35 30.04 1.74
CA GLN A 196 16.30 30.96 2.39
C GLN A 196 16.21 30.77 3.91
N VAL A 197 17.30 30.35 4.53
CA VAL A 197 17.30 30.09 5.97
C VAL A 197 18.11 31.21 6.63
N THR A 198 17.47 31.92 7.55
CA THR A 198 18.12 32.98 8.31
C THR A 198 18.33 32.56 9.77
N HIS A 199 19.54 32.75 10.25
CA HIS A 199 19.96 32.35 11.58
C HIS A 199 20.86 33.44 12.11
N GLU A 200 20.47 34.05 13.23
CA GLU A 200 21.25 35.10 13.87
C GLU A 200 21.80 36.09 12.84
N GLY A 201 20.90 36.56 11.97
CA GLY A 201 21.21 37.59 11.02
C GLY A 201 22.00 37.18 9.78
N SER A 202 22.45 35.92 9.68
CA SER A 202 23.09 35.43 8.44
C SER A 202 22.13 34.51 7.68
N THR A 203 22.24 34.50 6.34
CA THR A 203 21.31 33.74 5.50
C THR A 203 22.06 32.73 4.64
N VAL A 204 21.45 31.56 4.47
CA VAL A 204 21.94 30.56 3.52
C VAL A 204 20.79 30.23 2.58
N GLU A 205 21.06 30.18 1.28
CA GLU A 205 19.98 29.96 0.33
C GLU A 205 20.30 28.75 -0.54
N LYS A 206 19.27 27.93 -0.82
CA LYS A 206 19.41 26.83 -1.76
C LYS A 206 18.33 26.95 -2.82
N THR A 207 18.66 26.53 -4.04
CA THR A 207 17.75 26.69 -5.15
C THR A 207 17.58 25.37 -5.88
N VAL A 208 16.38 25.10 -6.37
CA VAL A 208 16.15 23.92 -7.19
C VAL A 208 15.30 24.34 -8.37
N ALA A 209 15.36 23.53 -9.43
CA ALA A 209 14.65 23.84 -10.67
C ALA A 209 14.12 22.55 -11.30
N PRO A 210 13.03 22.64 -12.06
CA PRO A 210 12.54 21.46 -12.78
C PRO A 210 13.61 20.86 -13.68
N THR A 211 13.67 19.53 -13.70
CA THR A 211 14.60 18.83 -14.58
C THR A 211 14.24 19.00 -16.06
N GLU B 3 -2.53 -12.76 -48.93
CA GLU B 3 -1.76 -12.62 -47.68
C GLU B 3 -1.51 -11.15 -47.39
N LEU B 4 -1.95 -10.69 -46.20
CA LEU B 4 -1.64 -9.35 -45.70
C LEU B 4 -0.48 -9.46 -44.71
N THR B 5 0.53 -8.62 -44.87
CA THR B 5 1.71 -8.67 -44.02
C THR B 5 1.84 -7.40 -43.22
N GLN B 6 1.85 -7.53 -41.89
CA GLN B 6 2.11 -6.36 -41.07
C GLN B 6 3.11 -6.80 -40.00
N PRO B 7 3.90 -5.86 -39.46
CA PRO B 7 4.95 -6.24 -38.51
C PRO B 7 4.34 -6.80 -37.24
N PRO B 8 4.97 -7.80 -36.63
CA PRO B 8 4.46 -8.34 -35.34
C PRO B 8 4.41 -7.31 -34.22
N SER B 9 5.34 -6.36 -34.23
CA SER B 9 5.41 -5.38 -33.17
C SER B 9 5.97 -4.05 -33.66
N VAL B 10 5.57 -2.99 -32.97
CA VAL B 10 6.03 -1.63 -33.20
C VAL B 10 6.08 -0.99 -31.81
N SER B 11 7.14 -0.26 -31.51
CA SER B 11 7.28 0.42 -30.24
C SER B 11 7.55 1.90 -30.44
N VAL B 12 6.99 2.73 -29.56
CA VAL B 12 7.15 4.18 -29.61
C VAL B 12 7.14 4.73 -28.19
N SER B 13 7.73 5.91 -28.03
CA SER B 13 7.71 6.67 -26.78
C SER B 13 6.45 7.54 -26.71
N PRO B 14 5.98 7.89 -25.52
CA PRO B 14 4.77 8.72 -25.41
C PRO B 14 4.93 10.02 -26.18
N GLY B 15 3.86 10.43 -26.87
CA GLY B 15 3.86 11.68 -27.58
C GLY B 15 4.49 11.62 -28.96
N GLN B 16 5.19 10.53 -29.30
CA GLN B 16 5.72 10.31 -30.64
C GLN B 16 4.62 9.84 -31.61
N THR B 17 4.97 9.72 -32.88
CA THR B 17 4.05 9.18 -33.88
C THR B 17 4.41 7.74 -34.17
N ALA B 18 3.42 6.87 -34.09
CA ALA B 18 3.62 5.47 -34.46
C ALA B 18 3.03 5.26 -35.85
N ARG B 19 3.67 4.41 -36.63
CA ARG B 19 3.16 4.05 -37.94
C ARG B 19 3.22 2.54 -38.05
N ILE B 20 2.13 1.93 -38.50
CA ILE B 20 2.03 0.48 -38.68
C ILE B 20 1.64 0.27 -40.13
N THR B 21 2.41 -0.53 -40.88
CA THR B 21 2.11 -0.77 -42.29
C THR B 21 1.46 -2.14 -42.46
N CYS B 22 0.77 -2.29 -43.57
CA CYS B 22 0.11 -3.53 -43.96
C CYS B 22 0.23 -3.61 -45.46
N SER B 23 0.76 -4.72 -45.98
N SER B 23 0.78 -4.70 -45.97
CA SER B 23 1.10 -4.82 -47.39
CA SER B 23 1.12 -4.84 -47.38
C SER B 23 0.49 -6.08 -47.96
C SER B 23 0.41 -6.06 -47.94
N GLY B 24 -0.06 -5.95 -49.17
CA GLY B 24 -0.75 -7.06 -49.77
C GLY B 24 -1.28 -6.68 -51.14
N ASP B 25 -1.28 -7.65 -52.04
CA ASP B 25 -1.66 -7.41 -53.43
C ASP B 25 -3.10 -6.92 -53.57
N THR B 26 -4.00 -7.32 -52.66
CA THR B 26 -5.41 -6.99 -52.80
C THR B 26 -5.75 -5.59 -52.33
N LEU B 27 -4.83 -4.86 -51.68
CA LEU B 27 -5.22 -3.58 -51.10
C LEU B 27 -5.71 -2.55 -52.11
N PRO B 28 -5.10 -2.38 -53.29
CA PRO B 28 -5.66 -1.41 -54.26
C PRO B 28 -7.10 -1.66 -54.61
N LYS B 29 -7.49 -2.92 -54.91
CA LYS B 29 -8.86 -3.15 -55.34
C LYS B 29 -9.83 -3.33 -54.17
N ARG B 30 -9.39 -4.00 -53.10
CA ARG B 30 -10.28 -4.41 -52.00
C ARG B 30 -10.18 -3.52 -50.79
N SER B 31 -9.22 -2.57 -50.78
CA SER B 31 -8.96 -1.62 -49.70
C SER B 31 -8.55 -2.26 -48.40
N GLY B 32 -8.18 -1.41 -47.46
CA GLY B 32 -7.70 -1.82 -46.15
C GLY B 32 -8.55 -1.18 -45.07
N TYR B 33 -8.68 -1.93 -44.00
CA TYR B 33 -9.46 -1.54 -42.86
C TYR B 33 -8.68 -1.89 -41.63
N TRP B 34 -8.63 -1.00 -40.63
CA TRP B 34 -7.83 -1.23 -39.44
C TRP B 34 -8.73 -1.39 -38.21
N TYR B 35 -8.39 -2.35 -37.37
CA TYR B 35 -9.08 -2.60 -36.10
C TYR B 35 -8.10 -2.51 -34.95
N GLN B 36 -8.56 -1.93 -33.85
CA GLN B 36 -7.86 -1.90 -32.58
C GLN B 36 -8.45 -2.95 -31.68
N GLN B 37 -7.61 -3.72 -30.99
CA GLN B 37 -8.15 -4.67 -30.04
C GLN B 37 -7.37 -4.60 -28.74
N LYS B 38 -8.05 -4.19 -27.68
CA LYS B 38 -7.50 -4.15 -26.33
C LYS B 38 -7.78 -5.47 -25.62
N PRO B 39 -7.03 -5.75 -24.55
CA PRO B 39 -7.21 -7.01 -23.82
C PRO B 39 -8.66 -7.27 -23.43
N ASP B 40 -9.15 -8.46 -23.74
CA ASP B 40 -10.49 -8.91 -23.33
C ASP B 40 -11.63 -8.08 -23.93
N GLN B 41 -11.41 -7.43 -25.07
CA GLN B 41 -12.49 -6.74 -25.74
C GLN B 41 -12.53 -7.13 -27.21
N ALA B 42 -13.67 -6.84 -27.84
CA ALA B 42 -13.81 -7.06 -29.27
C ALA B 42 -12.99 -6.04 -30.05
N PRO B 43 -12.60 -6.39 -31.27
CA PRO B 43 -12.01 -5.41 -32.17
C PRO B 43 -12.95 -4.24 -32.41
N LEU B 44 -12.33 -3.10 -32.69
CA LEU B 44 -13.00 -1.84 -32.89
C LEU B 44 -12.45 -1.23 -34.17
N LEU B 45 -13.32 -0.88 -35.12
CA LEU B 45 -12.84 -0.27 -36.38
C LEU B 45 -12.28 1.13 -36.12
N VAL B 46 -11.03 1.39 -36.53
CA VAL B 46 -10.45 2.70 -36.30
C VAL B 46 -10.13 3.43 -37.59
N ILE B 47 -9.95 2.72 -38.71
CA ILE B 47 -9.80 3.38 -40.01
C ILE B 47 -10.64 2.59 -41.00
N ASN B 48 -11.53 3.27 -41.70
CA ASN B 48 -12.46 2.67 -42.66
C ASN B 48 -12.00 3.00 -44.09
N LYS B 49 -11.87 1.99 -44.95
CA LYS B 49 -11.53 2.16 -46.37
C LYS B 49 -10.35 3.09 -46.57
N ASP B 50 -9.21 2.66 -46.04
CA ASP B 50 -7.85 3.19 -46.23
C ASP B 50 -7.61 4.47 -45.47
N THR B 51 -8.55 5.44 -45.50
CA THR B 51 -8.24 6.79 -45.01
C THR B 51 -9.35 7.42 -44.17
N GLU B 52 -10.49 6.76 -43.99
CA GLU B 52 -11.60 7.45 -43.32
C GLU B 52 -11.56 7.14 -41.85
N ARG B 53 -11.85 8.13 -41.02
N ARG B 53 -11.82 8.13 -41.02
CA ARG B 53 -11.85 7.93 -39.58
CA ARG B 53 -11.85 7.88 -39.58
C ARG B 53 -13.27 7.79 -39.08
C ARG B 53 -13.29 7.77 -39.11
N PRO B 54 -13.68 6.67 -38.48
CA PRO B 54 -15.07 6.52 -38.03
C PRO B 54 -15.40 7.57 -36.97
N SER B 55 -16.68 7.91 -36.89
CA SER B 55 -17.16 8.80 -35.86
C SER B 55 -16.84 8.22 -34.48
N GLY B 56 -16.34 9.07 -33.58
CA GLY B 56 -16.00 8.66 -32.24
C GLY B 56 -14.53 8.30 -32.06
N ILE B 57 -13.78 8.10 -33.13
CA ILE B 57 -12.38 7.70 -33.05
C ILE B 57 -11.55 8.97 -32.92
N PRO B 58 -10.61 9.06 -31.97
CA PRO B 58 -9.86 10.32 -31.76
C PRO B 58 -9.11 10.76 -33.01
N GLU B 59 -8.95 12.08 -33.14
CA GLU B 59 -8.35 12.64 -34.35
C GLU B 59 -6.91 12.18 -34.56
N ARG B 60 -6.24 11.74 -33.52
CA ARG B 60 -4.85 11.34 -33.68
C ARG B 60 -4.67 10.06 -34.53
N PHE B 61 -5.74 9.32 -34.80
CA PHE B 61 -5.69 8.17 -35.71
C PHE B 61 -5.90 8.62 -37.16
N SER B 62 -5.01 8.19 -38.05
CA SER B 62 -5.28 8.51 -39.44
C SER B 62 -4.73 7.39 -40.33
N GLY B 63 -5.17 7.36 -41.57
CA GLY B 63 -4.77 6.31 -42.47
C GLY B 63 -4.33 6.89 -43.80
N SER B 64 -3.40 6.19 -44.42
CA SER B 64 -2.96 6.54 -45.77
C SER B 64 -2.71 5.28 -46.59
N LYS B 65 -2.60 5.48 -47.92
CA LYS B 65 -2.45 4.35 -48.81
C LYS B 65 -1.44 4.66 -49.90
N SER B 66 -0.60 3.69 -50.20
CA SER B 66 0.31 3.74 -51.36
C SER B 66 0.19 2.39 -52.08
N GLY B 67 -0.83 2.26 -52.94
CA GLY B 67 -1.03 1.03 -53.68
C GLY B 67 -1.17 -0.20 -52.79
N THR B 68 -0.19 -1.10 -52.87
CA THR B 68 -0.23 -2.37 -52.12
C THR B 68 0.21 -2.23 -50.65
N THR B 69 0.44 -1.02 -50.15
CA THR B 69 0.71 -0.79 -48.73
C THR B 69 -0.29 0.25 -48.21
N VAL B 70 -0.90 -0.04 -47.04
CA VAL B 70 -1.66 0.97 -46.33
C VAL B 70 -1.01 1.13 -44.96
N THR B 71 -1.18 2.31 -44.40
CA THR B 71 -0.51 2.63 -43.16
C THR B 71 -1.48 3.22 -42.16
N LEU B 72 -1.38 2.74 -40.94
CA LEU B 72 -2.07 3.37 -39.83
C LEU B 72 -1.09 4.25 -39.06
N THR B 73 -1.46 5.53 -38.88
CA THR B 73 -0.61 6.49 -38.19
C THR B 73 -1.32 6.94 -36.92
N ILE B 74 -0.61 6.90 -35.78
CA ILE B 74 -1.16 7.43 -34.55
C ILE B 74 -0.21 8.52 -34.10
N SER B 75 -0.66 9.77 -34.17
CA SER B 75 0.21 10.86 -33.75
C SER B 75 0.00 11.12 -32.26
N GLY B 76 1.00 11.73 -31.63
CA GLY B 76 0.96 11.94 -30.19
C GLY B 76 0.46 10.75 -29.42
N VAL B 77 1.11 9.59 -29.59
CA VAL B 77 0.62 8.34 -29.01
C VAL B 77 0.51 8.43 -27.51
N GLN B 78 -0.63 7.97 -26.98
CA GLN B 78 -0.91 7.89 -25.55
C GLN B 78 -0.82 6.44 -25.08
N ALA B 79 -0.56 6.26 -23.79
CA ALA B 79 -0.43 4.89 -23.32
C ALA B 79 -1.70 4.09 -23.54
N GLU B 80 -2.86 4.76 -23.61
CA GLU B 80 -4.13 4.09 -23.89
C GLU B 80 -4.20 3.52 -25.29
N ASP B 81 -3.29 3.90 -26.18
CA ASP B 81 -3.28 3.34 -27.53
C ASP B 81 -2.57 1.99 -27.60
N GLU B 82 -1.92 1.55 -26.52
CA GLU B 82 -1.34 0.20 -26.50
C GLU B 82 -2.44 -0.81 -26.77
N ALA B 83 -2.22 -1.69 -27.76
CA ALA B 83 -3.28 -2.58 -28.23
C ALA B 83 -2.69 -3.40 -29.34
N ASP B 84 -3.47 -4.39 -29.78
CA ASP B 84 -3.19 -5.10 -31.01
C ASP B 84 -3.95 -4.41 -32.15
N TYR B 85 -3.30 -4.23 -33.27
CA TYR B 85 -3.94 -3.61 -34.43
C TYR B 85 -3.93 -4.60 -35.59
N TYR B 86 -5.09 -4.82 -36.22
CA TYR B 86 -5.26 -5.78 -37.30
C TYR B 86 -5.65 -5.04 -38.55
N CYS B 87 -4.99 -5.37 -39.65
CA CYS B 87 -5.44 -4.85 -40.93
C CYS B 87 -6.29 -5.92 -41.60
N GLN B 88 -7.23 -5.48 -42.41
CA GLN B 88 -8.19 -6.41 -43.02
C GLN B 88 -8.44 -5.99 -44.46
N SER B 89 -8.59 -6.98 -45.33
CA SER B 89 -8.95 -6.75 -46.74
C SER B 89 -9.83 -7.89 -47.23
N ALA B 90 -9.75 -8.22 -48.50
CA ALA B 90 -10.51 -9.35 -49.02
C ALA B 90 -9.64 -9.96 -50.09
N ASP B 91 -9.90 -11.22 -50.46
CA ASP B 91 -9.03 -11.84 -51.47
C ASP B 91 -9.39 -11.33 -52.88
N SER B 92 -8.55 -11.71 -53.85
CA SER B 92 -8.66 -11.06 -55.16
C SER B 92 -10.01 -11.35 -55.83
N SER B 93 -10.59 -12.53 -55.61
CA SER B 93 -11.91 -12.84 -56.17
C SER B 93 -13.07 -12.27 -55.36
N PHE B 94 -12.78 -11.57 -54.27
CA PHE B 94 -13.81 -11.02 -53.38
C PHE B 94 -14.78 -12.11 -52.94
N THR B 95 -14.22 -13.24 -52.53
CA THR B 95 -14.99 -14.33 -51.94
C THR B 95 -14.88 -14.37 -50.43
N TYR B 96 -13.71 -14.06 -49.87
CA TYR B 96 -13.47 -14.18 -48.45
C TYR B 96 -12.73 -12.96 -47.93
N PRO B 97 -12.94 -12.60 -46.68
CA PRO B 97 -12.09 -11.59 -46.02
C PRO B 97 -10.68 -12.09 -45.86
N SER B 98 -9.77 -11.17 -45.62
CA SER B 98 -8.44 -11.54 -45.18
C SER B 98 -8.04 -10.67 -44.01
N PHE B 99 -7.29 -11.25 -43.08
CA PHE B 99 -6.79 -10.51 -41.92
C PHE B 99 -5.26 -10.58 -41.90
N GLY B 100 -4.60 -9.49 -41.50
CA GLY B 100 -3.20 -9.55 -41.17
C GLY B 100 -3.01 -10.26 -39.83
N GLY B 101 -1.75 -10.55 -39.52
CA GLY B 101 -1.41 -11.31 -38.30
C GLY B 101 -1.52 -10.52 -37.01
N GLY B 102 -1.68 -9.22 -37.13
CA GLY B 102 -1.82 -8.32 -35.98
C GLY B 102 -0.48 -7.71 -35.65
N THR B 103 -0.51 -6.48 -35.13
CA THR B 103 0.66 -5.74 -34.68
C THR B 103 0.42 -5.28 -33.25
N LYS B 104 1.30 -5.68 -32.34
CA LYS B 104 1.27 -5.21 -30.96
C LYS B 104 2.01 -3.88 -30.88
N LEU B 105 1.28 -2.83 -30.54
CA LEU B 105 1.89 -1.52 -30.32
C LEU B 105 2.21 -1.41 -28.84
N THR B 106 3.47 -1.14 -28.53
CA THR B 106 3.91 -0.95 -27.14
C THR B 106 4.40 0.48 -27.00
N VAL B 107 3.95 1.16 -25.96
CA VAL B 107 4.41 2.51 -25.62
C VAL B 107 5.47 2.37 -24.52
N LEU B 108 6.72 2.59 -24.90
CA LEU B 108 7.90 2.46 -24.07
C LEU B 108 8.06 3.71 -23.23
N GLY B 109 8.82 3.57 -22.15
CA GLY B 109 9.20 4.73 -21.37
C GLY B 109 8.09 5.41 -20.62
N GLN B 110 7.06 4.66 -20.21
CA GLN B 110 6.03 5.23 -19.38
C GLN B 110 6.55 5.42 -17.94
N PRO B 111 5.91 6.28 -17.17
CA PRO B 111 6.43 6.59 -15.83
C PRO B 111 6.32 5.39 -14.88
N LYS B 112 7.40 5.17 -14.10
CA LYS B 112 7.39 4.09 -13.12
C LYS B 112 6.26 4.33 -12.12
N ALA B 113 5.58 3.24 -11.72
CA ALA B 113 4.58 3.32 -10.64
C ALA B 113 4.72 2.11 -9.71
N ALA B 114 4.81 2.37 -8.35
CA ALA B 114 4.97 1.27 -7.41
C ALA B 114 3.64 0.56 -7.16
N PRO B 115 3.66 -0.72 -6.83
CA PRO B 115 2.40 -1.43 -6.61
C PRO B 115 1.71 -1.02 -5.31
N SER B 116 0.38 -1.10 -5.34
CA SER B 116 -0.40 -1.15 -4.12
C SER B 116 -0.70 -2.61 -3.80
N VAL B 117 -0.76 -2.94 -2.51
CA VAL B 117 -0.92 -4.33 -2.11
C VAL B 117 -2.04 -4.41 -1.08
N THR B 118 -2.96 -5.35 -1.29
CA THR B 118 -4.00 -5.68 -0.32
C THR B 118 -3.87 -7.16 -0.01
N LEU B 119 -3.79 -7.51 1.26
CA LEU B 119 -3.69 -8.90 1.66
C LEU B 119 -4.91 -9.25 2.52
N PHE B 120 -5.65 -10.33 2.13
CA PHE B 120 -6.78 -10.75 2.93
C PHE B 120 -6.45 -12.06 3.65
N PRO B 121 -6.95 -12.22 4.88
CA PRO B 121 -6.80 -13.49 5.60
C PRO B 121 -7.85 -14.49 5.15
N PRO B 122 -7.76 -15.75 5.63
CA PRO B 122 -8.82 -16.72 5.34
C PRO B 122 -10.13 -16.25 5.92
N SER B 123 -11.20 -16.59 5.21
CA SER B 123 -12.57 -16.35 5.66
C SER B 123 -12.95 -17.39 6.72
N SER B 124 -13.84 -16.99 7.62
CA SER B 124 -14.39 -17.97 8.57
C SER B 124 -15.01 -19.15 7.83
N GLU B 125 -15.76 -18.87 6.76
CA GLU B 125 -16.39 -19.92 5.96
C GLU B 125 -15.37 -20.91 5.42
N GLU B 126 -14.24 -20.42 4.92
CA GLU B 126 -13.23 -21.32 4.39
C GLU B 126 -12.62 -22.18 5.50
N LEU B 127 -12.33 -21.59 6.67
CA LEU B 127 -11.69 -22.35 7.76
C LEU B 127 -12.60 -23.46 8.28
N GLN B 128 -13.92 -23.26 8.30
CA GLN B 128 -14.84 -24.35 8.65
C GLN B 128 -14.86 -25.45 7.60
N ALA B 129 -14.53 -25.13 6.35
CA ALA B 129 -14.33 -26.15 5.34
C ALA B 129 -12.96 -26.84 5.45
N ASN B 130 -12.23 -26.55 6.53
CA ASN B 130 -10.92 -27.11 6.80
C ASN B 130 -9.91 -26.75 5.71
N LYS B 131 -9.97 -25.51 5.26
CA LYS B 131 -9.03 -24.99 4.27
C LYS B 131 -8.66 -23.58 4.68
N ALA B 132 -7.62 -23.04 4.05
CA ALA B 132 -7.20 -21.68 4.38
C ALA B 132 -6.42 -21.11 3.21
N THR B 133 -6.84 -19.95 2.72
CA THR B 133 -6.19 -19.32 1.58
C THR B 133 -5.94 -17.87 1.94
N LEU B 134 -4.70 -17.41 1.77
CA LEU B 134 -4.37 -16.00 1.89
C LEU B 134 -4.31 -15.41 0.49
N VAL B 135 -4.83 -14.20 0.32
CA VAL B 135 -5.06 -13.63 -1.00
C VAL B 135 -4.32 -12.30 -1.04
N CYS B 136 -3.32 -12.20 -1.92
CA CYS B 136 -2.51 -11.00 -2.04
C CYS B 136 -2.78 -10.35 -3.40
N LEU B 137 -3.35 -9.16 -3.39
CA LEU B 137 -3.79 -8.47 -4.60
C LEU B 137 -2.86 -7.31 -4.85
N ILE B 138 -2.27 -7.25 -6.05
CA ILE B 138 -1.23 -6.29 -6.37
C ILE B 138 -1.72 -5.44 -7.54
N SER B 139 -1.75 -4.12 -7.39
CA SER B 139 -2.32 -3.37 -8.51
C SER B 139 -1.55 -2.08 -8.74
N ASP B 140 -1.91 -1.41 -9.84
CA ASP B 140 -1.40 -0.07 -10.18
C ASP B 140 0.12 0.04 -10.26
N PHE B 141 0.79 -0.94 -10.86
CA PHE B 141 2.24 -0.82 -10.98
C PHE B 141 2.68 -0.77 -12.43
N TYR B 142 3.86 -0.17 -12.62
CA TYR B 142 4.48 -0.11 -13.94
C TYR B 142 5.99 0.12 -13.77
N PRO B 143 6.84 -0.60 -14.51
CA PRO B 143 6.50 -1.60 -15.54
C PRO B 143 5.91 -2.91 -15.02
N GLY B 144 5.49 -3.78 -15.93
CA GLY B 144 4.63 -4.89 -15.57
C GLY B 144 5.37 -6.14 -15.14
N ALA B 145 6.23 -6.02 -14.12
CA ALA B 145 6.99 -7.14 -13.60
C ALA B 145 7.13 -6.99 -12.09
N VAL B 146 6.80 -8.05 -11.35
CA VAL B 146 6.90 -8.07 -9.90
C VAL B 146 7.39 -9.44 -9.46
N THR B 147 7.94 -9.49 -8.26
CA THR B 147 8.24 -10.72 -7.57
C THR B 147 7.48 -10.73 -6.26
N VAL B 148 6.95 -11.89 -5.89
CA VAL B 148 6.18 -12.06 -4.65
C VAL B 148 6.90 -13.05 -3.76
N ALA B 149 7.13 -12.67 -2.51
CA ALA B 149 7.67 -13.57 -1.47
C ALA B 149 6.70 -13.61 -0.31
N TRP B 150 6.43 -14.81 0.18
CA TRP B 150 5.57 -14.99 1.33
C TRP B 150 6.43 -15.33 2.54
N LYS B 151 5.94 -14.97 3.72
CA LYS B 151 6.63 -15.28 4.98
C LYS B 151 5.62 -15.76 6.01
N ALA B 152 6.05 -16.72 6.83
CA ALA B 152 5.28 -17.17 7.97
C ALA B 152 6.07 -16.72 9.20
N ASP B 153 5.46 -15.84 9.99
CA ASP B 153 6.24 -15.07 10.96
C ASP B 153 7.31 -14.31 10.19
N SER B 154 8.56 -14.76 10.25
CA SER B 154 9.60 -14.11 9.46
C SER B 154 10.36 -15.11 8.60
N SER B 155 9.84 -16.32 8.43
CA SER B 155 10.66 -17.20 7.62
C SER B 155 10.01 -17.43 6.26
N PRO B 156 10.80 -17.54 5.19
CA PRO B 156 10.21 -17.70 3.86
C PRO B 156 9.35 -18.95 3.78
N VAL B 157 8.25 -18.81 3.04
CA VAL B 157 7.40 -19.94 2.73
C VAL B 157 7.33 -20.01 1.21
N LYS B 158 7.71 -21.16 0.66
CA LYS B 158 7.69 -21.36 -0.77
C LYS B 158 6.58 -22.28 -1.23
N ALA B 159 6.19 -23.23 -0.37
CA ALA B 159 5.21 -24.23 -0.76
C ALA B 159 3.80 -23.66 -0.68
N GLY B 160 2.95 -24.11 -1.60
CA GLY B 160 1.55 -23.70 -1.61
C GLY B 160 1.28 -22.33 -2.21
N VAL B 161 2.22 -21.78 -3.00
CA VAL B 161 2.12 -20.44 -3.60
C VAL B 161 1.70 -20.56 -5.06
N GLU B 162 0.71 -19.77 -5.48
CA GLU B 162 0.34 -19.66 -6.90
C GLU B 162 0.19 -18.19 -7.22
N THR B 163 0.91 -17.72 -8.24
CA THR B 163 0.99 -16.29 -8.56
C THR B 163 0.72 -16.09 -10.04
N THR B 164 -0.09 -15.09 -10.39
CA THR B 164 -0.40 -14.84 -11.79
C THR B 164 0.70 -14.07 -12.49
N THR B 165 0.67 -14.14 -13.85
CA THR B 165 1.52 -13.21 -14.56
C THR B 165 0.84 -11.85 -14.62
N PRO B 166 1.58 -10.76 -14.49
CA PRO B 166 0.91 -9.46 -14.49
C PRO B 166 0.19 -9.26 -15.81
N SER B 167 -0.94 -8.56 -15.73
CA SER B 167 -1.77 -8.30 -16.90
C SER B 167 -2.25 -6.87 -16.82
N LYS B 168 -2.59 -6.29 -17.98
CA LYS B 168 -2.75 -4.84 -18.04
C LYS B 168 -4.14 -4.42 -17.55
N GLN B 169 -4.18 -3.46 -16.62
CA GLN B 169 -5.44 -2.83 -16.23
C GLN B 169 -5.97 -1.92 -17.34
N SER B 170 -7.21 -1.45 -17.14
CA SER B 170 -7.84 -0.52 -18.07
C SER B 170 -7.31 0.90 -17.93
N ASN B 171 -6.66 1.23 -16.80
CA ASN B 171 -5.95 2.50 -16.61
C ASN B 171 -4.47 2.43 -17.01
N ASN B 172 -4.05 1.34 -17.65
CA ASN B 172 -2.78 1.17 -18.32
C ASN B 172 -1.65 0.79 -17.38
N LYS B 173 -1.92 0.63 -16.09
CA LYS B 173 -0.98 0.02 -15.15
C LYS B 173 -1.22 -1.49 -15.14
N TYR B 174 -0.49 -2.23 -14.31
CA TYR B 174 -0.66 -3.67 -14.33
C TYR B 174 -1.25 -4.15 -13.00
N ALA B 175 -1.75 -5.40 -13.02
CA ALA B 175 -2.26 -6.08 -11.83
C ALA B 175 -1.76 -7.52 -11.82
N ALA B 176 -1.73 -8.12 -10.63
CA ALA B 176 -1.24 -9.47 -10.44
C ALA B 176 -1.82 -9.93 -9.09
N SER B 177 -1.93 -11.24 -8.90
CA SER B 177 -2.42 -11.73 -7.61
C SER B 177 -1.63 -12.95 -7.22
N SER B 178 -1.53 -13.20 -5.91
CA SER B 178 -0.82 -14.37 -5.43
C SER B 178 -1.63 -14.98 -4.30
N TYR B 179 -1.68 -16.31 -4.27
CA TYR B 179 -2.49 -17.07 -3.32
C TYR B 179 -1.58 -18.00 -2.54
N LEU B 180 -1.70 -17.99 -1.21
CA LEU B 180 -0.99 -18.92 -0.34
C LEU B 180 -2.00 -19.85 0.30
N SER B 181 -1.86 -21.16 0.06
CA SER B 181 -2.72 -22.19 0.61
C SER B 181 -2.06 -22.79 1.84
N LEU B 182 -2.83 -22.91 2.91
CA LEU B 182 -2.34 -23.30 4.24
C LEU B 182 -3.33 -24.31 4.79
N THR B 183 -2.89 -25.13 5.76
CA THR B 183 -3.93 -25.77 6.54
C THR B 183 -4.42 -24.81 7.61
N PRO B 184 -5.64 -24.98 8.11
CA PRO B 184 -6.07 -24.19 9.26
C PRO B 184 -5.10 -24.28 10.41
N GLU B 185 -4.49 -25.44 10.64
CA GLU B 185 -3.56 -25.59 11.75
C GLU B 185 -2.35 -24.69 11.55
N GLN B 186 -1.78 -24.69 10.32
CA GLN B 186 -0.65 -23.79 10.05
C GLN B 186 -1.06 -22.35 10.26
N TRP B 187 -2.24 -21.97 9.79
CA TRP B 187 -2.68 -20.59 9.90
C TRP B 187 -2.77 -20.16 11.36
N LYS B 188 -3.35 -21.00 12.22
CA LYS B 188 -3.54 -20.64 13.62
C LYS B 188 -2.24 -20.76 14.42
N SER B 189 -1.26 -21.48 13.85
CA SER B 189 -0.01 -21.79 14.52
C SER B 189 0.90 -20.57 14.60
N HIS B 190 1.11 -19.90 13.48
CA HIS B 190 2.06 -18.79 13.45
C HIS B 190 1.39 -17.52 13.88
N ARG B 191 2.22 -16.56 14.27
CA ARG B 191 1.73 -15.29 14.73
C ARG B 191 1.23 -14.45 13.56
N SER B 192 1.82 -14.63 12.38
CA SER B 192 1.36 -13.84 11.24
C SER B 192 1.95 -14.43 9.97
N TYR B 193 1.37 -14.02 8.83
CA TYR B 193 1.89 -14.28 7.50
C TYR B 193 1.99 -12.96 6.77
N SER B 194 2.93 -12.87 5.85
CA SER B 194 3.16 -11.62 5.13
C SER B 194 3.31 -11.94 3.65
N CYS B 195 2.91 -11.00 2.81
CA CYS B 195 3.11 -11.04 1.36
C CYS B 195 4.01 -9.88 1.03
N GLN B 196 5.15 -10.14 0.44
CA GLN B 196 6.13 -9.10 0.15
C GLN B 196 6.26 -9.00 -1.36
N VAL B 197 6.03 -7.83 -1.90
CA VAL B 197 6.06 -7.63 -3.34
C VAL B 197 7.26 -6.77 -3.70
N THR B 198 8.08 -7.23 -4.64
CA THR B 198 9.28 -6.47 -5.02
C THR B 198 9.09 -5.97 -6.45
N HIS B 199 9.39 -4.70 -6.67
CA HIS B 199 9.13 -4.04 -7.95
C HIS B 199 10.25 -3.04 -8.19
N GLU B 200 11.00 -3.22 -9.26
CA GLU B 200 12.03 -2.26 -9.63
C GLU B 200 12.96 -1.96 -8.44
N GLY B 201 13.33 -3.01 -7.70
CA GLY B 201 14.26 -2.89 -6.60
C GLY B 201 13.67 -2.38 -5.30
N SER B 202 12.38 -2.02 -5.28
CA SER B 202 11.71 -1.57 -4.06
C SER B 202 10.68 -2.60 -3.62
N THR B 203 10.32 -2.58 -2.32
CA THR B 203 9.41 -3.60 -1.82
C THR B 203 8.26 -2.98 -1.04
N VAL B 204 7.13 -3.67 -1.08
CA VAL B 204 5.93 -3.31 -0.31
C VAL B 204 5.49 -4.60 0.36
N GLU B 205 5.16 -4.54 1.64
CA GLU B 205 4.83 -5.75 2.39
C GLU B 205 3.56 -5.55 3.22
N LYS B 206 2.67 -6.56 3.23
CA LYS B 206 1.45 -6.53 4.05
C LYS B 206 1.44 -7.78 4.92
N THR B 207 0.82 -7.67 6.12
CA THR B 207 0.83 -8.73 7.12
C THR B 207 -0.59 -8.97 7.60
N VAL B 208 -0.95 -10.24 7.79
CA VAL B 208 -2.23 -10.57 8.41
C VAL B 208 -1.97 -11.59 9.50
N ALA B 209 -2.96 -11.68 10.42
CA ALA B 209 -2.85 -12.50 11.63
C ALA B 209 -4.20 -13.13 11.94
N PRO B 210 -4.21 -14.36 12.45
CA PRO B 210 -5.49 -14.97 12.85
C PRO B 210 -6.17 -14.14 13.91
N THR B 211 -7.51 -14.21 13.95
CA THR B 211 -8.27 -13.49 14.98
C THR B 211 -9.11 -14.42 15.84
N GLN C 1 23.20 -9.98 37.21
CA GLN C 1 22.19 -8.97 37.52
C GLN C 1 20.82 -9.29 36.86
N VAL C 2 19.73 -8.86 37.50
CA VAL C 2 18.42 -9.12 36.93
C VAL C 2 18.20 -8.16 35.77
N GLN C 3 17.56 -8.65 34.71
CA GLN C 3 17.14 -7.79 33.60
C GLN C 3 15.66 -8.00 33.34
N LEU C 4 15.00 -6.94 32.86
CA LEU C 4 13.57 -6.98 32.57
C LEU C 4 13.37 -6.59 31.12
N GLN C 5 12.43 -7.25 30.45
CA GLN C 5 12.14 -6.98 29.04
C GLN C 5 10.64 -7.09 28.80
N GLU C 6 10.02 -5.99 28.35
CA GLU C 6 8.62 -6.01 27.96
C GLU C 6 8.42 -6.61 26.57
N SER C 7 7.26 -7.22 26.39
CA SER C 7 6.88 -7.72 25.09
C SER C 7 5.37 -7.72 24.96
N GLY C 8 4.87 -7.70 23.72
CA GLY C 8 3.43 -7.70 23.52
C GLY C 8 3.05 -6.77 22.38
N PRO C 9 1.77 -6.78 21.97
CA PRO C 9 1.36 -5.96 20.80
C PRO C 9 1.55 -4.46 21.04
N GLY C 10 2.10 -3.79 20.02
CA GLY C 10 2.31 -2.33 20.07
C GLY C 10 1.12 -1.52 19.59
N LEU C 11 0.07 -2.19 19.08
CA LEU C 11 -1.12 -1.53 18.54
C LEU C 11 -2.36 -2.18 19.17
N VAL C 12 -3.31 -1.36 19.61
CA VAL C 12 -4.53 -1.84 20.23
C VAL C 12 -5.69 -1.06 19.64
N LYS C 13 -6.82 -1.76 19.39
CA LYS C 13 -7.98 -1.03 18.89
C LYS C 13 -8.71 -0.38 20.07
N PRO C 14 -9.44 0.71 19.83
CA PRO C 14 -10.18 1.36 20.92
C PRO C 14 -11.18 0.38 21.50
N SER C 15 -11.35 0.45 22.82
CA SER C 15 -12.15 -0.42 23.66
C SER C 15 -11.55 -1.80 23.78
N GLY C 16 -10.45 -2.09 23.11
CA GLY C 16 -9.77 -3.37 23.21
C GLY C 16 -8.98 -3.48 24.50
N THR C 17 -8.14 -4.52 24.56
CA THR C 17 -7.35 -4.78 25.77
C THR C 17 -5.86 -4.78 25.45
N LEU C 18 -5.13 -3.90 26.12
CA LEU C 18 -3.69 -3.89 26.04
C LEU C 18 -3.15 -5.08 26.83
N SER C 19 -2.17 -5.79 26.26
N SER C 19 -2.21 -5.82 26.25
CA SER C 19 -1.61 -6.98 26.89
CA SER C 19 -1.60 -6.97 26.93
C SER C 19 -0.09 -6.90 26.74
C SER C 19 -0.10 -6.90 26.76
N LEU C 20 0.62 -6.86 27.88
CA LEU C 20 2.07 -6.87 27.84
C LEU C 20 2.60 -7.90 28.83
N THR C 21 3.77 -8.41 28.56
CA THR C 21 4.45 -9.37 29.43
C THR C 21 5.85 -8.87 29.71
N CYS C 22 6.30 -9.03 30.94
CA CYS C 22 7.68 -8.70 31.33
C CYS C 22 8.40 -10.00 31.60
N THR C 23 9.43 -10.30 30.84
CA THR C 23 10.26 -11.49 31.11
C THR C 23 11.41 -11.10 32.05
N VAL C 24 11.49 -11.76 33.20
CA VAL C 24 12.53 -11.47 34.18
C VAL C 24 13.65 -12.49 33.92
N SER C 25 14.87 -12.02 33.79
CA SER C 25 16.00 -12.94 33.59
C SER C 25 17.07 -12.60 34.62
N GLY C 26 17.86 -13.60 34.99
CA GLY C 26 18.94 -13.28 35.90
C GLY C 26 18.56 -13.40 37.37
N GLY C 27 17.32 -13.75 37.67
CA GLY C 27 16.79 -13.73 39.02
C GLY C 27 15.40 -14.30 38.97
N PHE C 28 14.85 -14.57 40.14
CA PHE C 28 13.55 -15.20 40.27
C PHE C 28 12.45 -14.17 40.56
N ILE C 29 11.24 -14.47 40.05
CA ILE C 29 10.03 -13.69 40.39
C ILE C 29 9.83 -13.72 41.90
N SER C 30 9.99 -14.91 42.49
CA SER C 30 9.99 -15.07 43.93
C SER C 30 11.13 -14.30 44.57
N SER C 31 10.81 -13.28 45.34
CA SER C 31 11.86 -12.48 46.00
C SER C 31 11.14 -11.49 46.89
N ARG C 32 11.92 -10.68 47.65
CA ARG C 32 11.32 -9.68 48.53
C ARG C 32 10.83 -8.45 47.76
N ASN C 33 11.19 -8.36 46.48
CA ASN C 33 10.78 -7.19 45.68
C ASN C 33 9.34 -7.30 45.21
N TRP C 34 8.74 -6.16 44.86
CA TRP C 34 7.46 -6.19 44.17
C TRP C 34 7.71 -5.85 42.72
N TRP C 35 6.79 -6.24 41.84
CA TRP C 35 6.94 -6.06 40.40
C TRP C 35 5.86 -5.11 39.93
N SER C 36 6.19 -4.23 38.99
N SER C 36 6.22 -4.19 39.03
CA SER C 36 5.22 -3.16 38.74
CA SER C 36 5.32 -3.07 38.73
C SER C 36 5.30 -2.69 37.29
C SER C 36 5.23 -2.81 37.24
N TRP C 37 4.25 -1.95 36.89
CA TRP C 37 4.16 -1.36 35.57
C TRP C 37 4.00 0.14 35.76
N VAL C 38 4.71 0.92 34.95
CA VAL C 38 4.71 2.38 34.99
C VAL C 38 4.55 2.82 33.55
N ARG C 39 3.78 3.86 33.29
CA ARG C 39 3.70 4.29 31.89
C ARG C 39 3.99 5.77 31.75
N GLN C 40 4.26 6.19 30.48
CA GLN C 40 4.65 7.57 30.22
C GLN C 40 4.11 7.96 28.84
N PRO C 41 3.03 8.71 28.78
CA PRO C 41 2.57 9.20 27.48
C PRO C 41 3.65 10.07 26.85
N PRO C 42 3.77 10.05 25.53
CA PRO C 42 4.88 10.79 24.89
C PRO C 42 4.87 12.24 25.34
N GLY C 43 6.03 12.71 25.77
CA GLY C 43 6.17 14.07 26.26
C GLY C 43 5.60 14.37 27.64
N LYS C 44 5.09 13.38 28.36
CA LYS C 44 4.48 13.62 29.67
C LYS C 44 5.24 12.89 30.78
N GLY C 45 4.69 12.96 31.99
CA GLY C 45 5.41 12.46 33.14
C GLY C 45 5.11 10.97 33.35
N LEU C 46 5.68 10.44 34.44
CA LEU C 46 5.49 9.04 34.81
C LEU C 46 4.18 8.83 35.57
N GLU C 47 3.51 7.70 35.29
CA GLU C 47 2.26 7.34 35.96
C GLU C 47 2.34 5.88 36.36
N TRP C 48 2.21 5.60 37.67
CA TRP C 48 2.30 4.21 38.11
C TRP C 48 0.99 3.50 37.83
N ILE C 49 1.07 2.28 37.32
CA ILE C 49 -0.17 1.54 37.05
C ILE C 49 -0.52 0.62 38.22
N GLY C 50 0.46 -0.09 38.78
CA GLY C 50 0.16 -1.05 39.84
C GLY C 50 1.37 -1.94 40.09
N GLU C 51 1.22 -2.82 41.08
CA GLU C 51 2.32 -3.65 41.55
C GLU C 51 1.75 -5.02 41.90
N VAL C 52 2.62 -6.03 41.84
CA VAL C 52 2.22 -7.38 42.22
C VAL C 52 3.39 -8.02 42.98
N TYR C 53 3.05 -8.82 44.00
CA TYR C 53 3.97 -9.65 44.76
C TYR C 53 3.98 -11.05 44.18
N HIS C 54 5.07 -11.79 44.40
CA HIS C 54 5.18 -13.08 43.73
C HIS C 54 4.07 -14.03 44.11
N THR C 55 3.45 -13.85 45.28
CA THR C 55 2.35 -14.71 45.67
C THR C 55 1.07 -14.36 44.94
N GLY C 56 1.02 -13.25 44.23
CA GLY C 56 -0.17 -12.88 43.50
C GLY C 56 -0.93 -11.70 44.08
N ILE C 57 -0.61 -11.23 45.29
CA ILE C 57 -1.25 -10.05 45.86
C ILE C 57 -1.03 -8.86 44.92
N THR C 58 -2.11 -8.11 44.63
CA THR C 58 -2.00 -6.99 43.69
C THR C 58 -2.43 -5.70 44.37
N ASN C 59 -2.05 -4.58 43.77
CA ASN C 59 -2.42 -3.26 44.28
C ASN C 59 -2.28 -2.28 43.15
N TYR C 60 -3.40 -1.61 42.77
CA TYR C 60 -3.42 -0.81 41.54
C TYR C 60 -3.67 0.67 41.82
N ASN C 61 -3.20 1.52 40.90
CA ASN C 61 -3.56 2.94 40.88
C ASN C 61 -5.08 3.10 40.92
N PRO C 62 -5.65 3.74 41.95
CA PRO C 62 -7.12 3.74 42.06
C PRO C 62 -7.82 4.46 40.90
N SER C 63 -7.12 5.31 40.13
CA SER C 63 -7.71 5.94 38.96
C SER C 63 -7.85 4.98 37.77
N LEU C 64 -7.17 3.83 37.82
CA LEU C 64 -7.24 2.80 36.79
C LEU C 64 -7.86 1.51 37.26
N LYS C 65 -8.24 1.40 38.54
CA LYS C 65 -8.30 0.09 39.19
C LYS C 65 -9.31 -0.82 38.52
N SER C 66 -10.35 -0.25 37.89
CA SER C 66 -11.38 -1.08 37.29
C SER C 66 -10.91 -1.78 35.99
N ARG C 67 -9.84 -1.29 35.38
CA ARG C 67 -9.42 -1.76 34.05
C ARG C 67 -8.11 -2.54 34.06
N VAL C 68 -7.43 -2.64 35.18
CA VAL C 68 -6.07 -3.21 35.27
C VAL C 68 -6.15 -4.64 35.77
N THR C 69 -5.35 -5.53 35.17
CA THR C 69 -5.06 -6.85 35.74
C THR C 69 -3.56 -7.02 35.71
N ILE C 70 -2.92 -7.33 36.84
CA ILE C 70 -1.51 -7.71 36.84
C ILE C 70 -1.40 -9.12 37.39
N SER C 71 -0.65 -9.97 36.72
CA SER C 71 -0.57 -11.37 37.12
C SER C 71 0.90 -11.76 37.12
N VAL C 72 1.20 -12.85 37.82
CA VAL C 72 2.55 -13.38 37.82
C VAL C 72 2.48 -14.83 37.35
N ASP C 73 3.56 -15.31 36.71
CA ASP C 73 3.62 -16.72 36.23
C ASP C 73 5.02 -17.22 36.53
N LYS C 74 5.18 -17.86 37.68
CA LYS C 74 6.49 -18.31 38.10
C LYS C 74 7.04 -19.42 37.22
N SER C 75 6.19 -20.17 36.52
CA SER C 75 6.77 -21.22 35.70
C SER C 75 7.52 -20.65 34.52
N LYS C 76 7.08 -19.51 33.99
CA LYS C 76 7.83 -18.82 32.95
C LYS C 76 8.68 -17.66 33.47
N ASN C 77 8.63 -17.34 34.78
CA ASN C 77 9.38 -16.23 35.38
C ASN C 77 9.03 -14.89 34.74
N GLN C 78 7.73 -14.60 34.71
CA GLN C 78 7.15 -13.46 33.99
C GLN C 78 6.08 -12.85 34.84
N PHE C 79 5.79 -11.58 34.56
CA PHE C 79 4.59 -10.98 35.14
C PHE C 79 3.97 -10.15 34.02
N SER C 80 2.65 -9.95 34.07
CA SER C 80 1.95 -9.43 32.89
C SER C 80 1.00 -8.32 33.29
N LEU C 81 0.62 -7.51 32.28
CA LEU C 81 -0.35 -6.42 32.44
C LEU C 81 -1.43 -6.60 31.38
N LYS C 82 -2.69 -6.49 31.82
CA LYS C 82 -3.83 -6.32 30.92
C LYS C 82 -4.55 -5.04 31.32
N LEU C 83 -4.84 -4.20 30.32
CA LEU C 83 -5.53 -2.94 30.57
C LEU C 83 -6.74 -2.95 29.63
N SER C 84 -7.95 -3.02 30.19
CA SER C 84 -9.12 -3.19 29.33
C SER C 84 -9.77 -1.85 29.02
N SER C 85 -10.72 -1.87 28.06
CA SER C 85 -11.46 -0.69 27.62
C SER C 85 -10.55 0.49 27.32
N VAL C 86 -9.54 0.29 26.43
CA VAL C 86 -8.55 1.34 26.20
C VAL C 86 -9.11 2.50 25.36
N THR C 87 -8.55 3.70 25.58
CA THR C 87 -8.83 4.89 24.75
C THR C 87 -7.50 5.52 24.37
N ALA C 88 -7.58 6.65 23.64
CA ALA C 88 -6.35 7.37 23.27
C ALA C 88 -5.52 7.79 24.48
N ALA C 89 -6.14 7.98 25.65
CA ALA C 89 -5.35 8.39 26.81
C ALA C 89 -4.37 7.30 27.27
N ASP C 90 -4.59 6.05 26.87
CA ASP C 90 -3.68 4.91 27.15
C ASP C 90 -2.48 4.77 26.22
N THR C 91 -2.39 5.58 25.17
CA THR C 91 -1.19 5.55 24.31
C THR C 91 0.01 6.04 25.12
N ALA C 92 1.03 5.20 25.24
CA ALA C 92 2.16 5.56 26.11
C ALA C 92 3.27 4.55 25.93
N VAL C 93 4.45 4.92 26.44
CA VAL C 93 5.49 3.94 26.61
C VAL C 93 5.24 3.24 27.96
N TYR C 94 5.16 1.91 27.95
CA TYR C 94 4.91 1.12 29.14
C TYR C 94 6.22 0.49 29.60
N TYR C 95 6.57 0.66 30.88
CA TYR C 95 7.78 0.09 31.44
C TYR C 95 7.38 -0.97 32.45
N CYS C 96 8.07 -2.10 32.45
CA CYS C 96 8.01 -2.87 33.68
C CYS C 96 9.18 -2.46 34.62
N ALA C 97 9.00 -2.68 35.93
CA ALA C 97 9.97 -2.15 36.89
C ALA C 97 9.96 -3.00 38.14
N ARG C 98 11.07 -3.02 38.82
CA ARG C 98 11.18 -3.74 40.10
C ARG C 98 11.17 -2.74 41.22
N GLU C 99 10.36 -3.02 42.27
CA GLU C 99 10.23 -2.12 43.41
C GLU C 99 10.95 -2.71 44.58
N VAL C 100 11.62 -1.86 45.34
CA VAL C 100 12.16 -2.21 46.64
C VAL C 100 11.20 -1.61 47.64
N VAL C 101 10.61 -2.45 48.50
CA VAL C 101 9.51 -2.01 49.35
C VAL C 101 9.91 -2.35 50.76
N GLY C 102 9.99 -1.35 51.61
CA GLY C 102 10.22 -1.53 53.02
C GLY C 102 8.93 -1.35 53.78
N PRO C 103 9.01 -1.37 55.12
CA PRO C 103 7.78 -1.24 55.90
C PRO C 103 7.13 0.13 55.76
N THR C 104 7.89 1.17 55.40
CA THR C 104 7.31 2.50 55.37
C THR C 104 7.62 3.29 54.10
N THR C 105 8.39 2.72 53.18
CA THR C 105 8.88 3.44 52.00
C THR C 105 9.09 2.45 50.86
N GLY C 106 9.08 2.98 49.62
CA GLY C 106 9.35 2.13 48.47
C GLY C 106 9.98 2.98 47.38
N TYR C 107 10.67 2.31 46.45
CA TYR C 107 11.23 3.01 45.30
C TYR C 107 11.45 1.99 44.18
N PHE C 108 11.88 2.48 43.01
CA PHE C 108 12.07 1.65 41.82
C PHE C 108 13.57 1.46 41.60
N ASP C 109 14.04 0.21 41.54
CA ASP C 109 15.50 0.04 41.40
C ASP C 109 15.95 -0.61 40.10
N LEU C 110 15.04 -0.93 39.18
CA LEU C 110 15.35 -1.62 37.94
C LEU C 110 14.17 -1.40 37.00
N TRP C 111 14.47 -1.14 35.73
CA TRP C 111 13.46 -0.81 34.71
C TRP C 111 13.73 -1.59 33.44
N GLY C 112 12.67 -2.01 32.78
CA GLY C 112 12.78 -2.50 31.43
C GLY C 112 13.13 -1.36 30.49
N ARG C 113 13.25 -1.68 29.20
CA ARG C 113 13.58 -0.68 28.19
C ARG C 113 12.38 0.16 27.78
N GLY C 114 11.18 -0.30 28.06
CA GLY C 114 10.00 0.46 27.70
C GLY C 114 9.48 0.02 26.34
N THR C 115 8.17 -0.09 26.18
CA THR C 115 7.62 -0.38 24.86
C THR C 115 6.45 0.53 24.60
N LEU C 116 6.41 1.15 23.44
CA LEU C 116 5.30 2.02 23.07
C LEU C 116 4.08 1.17 22.69
N VAL C 117 2.93 1.50 23.25
CA VAL C 117 1.68 0.89 22.84
C VAL C 117 0.81 2.05 22.37
N THR C 118 0.30 1.94 21.15
CA THR C 118 -0.55 2.98 20.58
C THR C 118 -1.96 2.44 20.39
N ILE C 119 -2.96 3.20 20.87
CA ILE C 119 -4.36 2.86 20.62
C ILE C 119 -4.73 3.53 19.30
N VAL C 120 -5.00 2.72 18.27
CA VAL C 120 -5.15 3.22 16.91
C VAL C 120 -6.63 3.24 16.56
N SER C 121 -7.14 4.43 16.32
CA SER C 121 -8.50 4.57 15.84
C SER C 121 -8.36 5.03 14.41
N ARG C 122 -8.47 6.33 14.12
CA ARG C 122 -8.27 6.70 12.70
C ARG C 122 -6.81 6.48 12.29
N ARG C 123 -6.60 6.10 11.03
CA ARG C 123 -5.22 5.95 10.58
C ARG C 123 -5.16 6.23 9.09
N LEU C 124 -3.97 6.64 8.64
CA LEU C 124 -3.76 6.96 7.23
C LEU C 124 -2.35 6.49 6.88
N PRO C 125 -2.19 5.70 5.81
CA PRO C 125 -0.85 5.23 5.42
C PRO C 125 -0.10 6.31 4.66
N PRO C 126 1.19 6.48 4.92
CA PRO C 126 1.96 7.49 4.19
C PRO C 126 2.27 7.06 2.76
N SER C 127 2.58 8.04 1.92
CA SER C 127 3.34 7.80 0.69
C SER C 127 4.81 7.95 1.01
N VAL C 128 5.65 7.18 0.34
CA VAL C 128 7.09 7.21 0.59
C VAL C 128 7.73 7.57 -0.74
N PHE C 129 8.45 8.67 -0.76
CA PHE C 129 9.02 9.13 -2.01
C PHE C 129 10.54 9.23 -1.87
N PRO C 130 11.29 8.82 -2.87
CA PRO C 130 12.75 9.00 -2.77
C PRO C 130 13.09 10.47 -2.92
N LEU C 131 14.11 10.90 -2.20
CA LEU C 131 14.74 12.22 -2.37
C LEU C 131 16.09 11.97 -3.03
N ALA C 132 16.11 12.03 -4.36
CA ALA C 132 17.29 11.68 -5.15
C ALA C 132 18.42 12.65 -4.86
N PRO C 133 19.67 12.18 -4.86
CA PRO C 133 20.83 13.03 -4.53
C PRO C 133 21.07 14.20 -5.49
N SER C 139 30.65 15.19 -9.19
CA SER C 139 30.63 16.41 -8.40
C SER C 139 31.83 16.52 -7.44
N GLY C 140 32.16 15.44 -6.75
CA GLY C 140 33.07 15.53 -5.62
C GLY C 140 32.36 15.93 -4.34
N GLY C 141 33.08 15.81 -3.23
CA GLY C 141 32.51 16.20 -1.94
C GLY C 141 31.59 15.12 -1.39
N THR C 142 30.54 15.57 -0.69
CA THR C 142 29.53 14.67 -0.15
C THR C 142 28.20 14.98 -0.83
N ALA C 143 27.29 14.03 -0.72
CA ALA C 143 25.98 14.13 -1.37
C ALA C 143 24.89 13.72 -0.37
N ALA C 144 23.75 14.39 -0.48
CA ALA C 144 22.61 14.12 0.38
C ALA C 144 21.54 13.37 -0.42
N LEU C 145 21.01 12.31 0.15
CA LEU C 145 19.87 11.66 -0.46
C LEU C 145 18.92 11.29 0.66
N GLY C 146 17.69 10.93 0.32
CA GLY C 146 16.80 10.72 1.44
C GLY C 146 15.49 10.09 1.03
N CYS C 147 14.56 10.10 1.98
CA CYS C 147 13.24 9.56 1.76
C CYS C 147 12.28 10.51 2.44
N LEU C 148 11.18 10.82 1.76
CA LEU C 148 10.09 11.61 2.32
C LEU C 148 8.93 10.69 2.63
N VAL C 149 8.47 10.72 3.88
CA VAL C 149 7.36 9.90 4.34
C VAL C 149 6.21 10.88 4.53
N LYS C 150 5.29 10.91 3.58
CA LYS C 150 4.35 12.03 3.48
C LYS C 150 2.97 11.60 3.93
N ASP C 151 2.39 12.40 4.85
CA ASP C 151 0.95 12.39 5.22
C ASP C 151 0.51 11.08 5.89
N TYR C 152 1.01 10.81 7.09
CA TYR C 152 0.63 9.60 7.82
C TYR C 152 -0.06 10.00 9.12
N PHE C 153 -0.81 9.05 9.67
CA PHE C 153 -1.39 9.25 11.01
C PHE C 153 -1.70 7.89 11.60
N PRO C 154 -1.55 7.68 12.92
CA PRO C 154 -0.86 8.49 13.91
C PRO C 154 0.65 8.35 13.84
N GLU C 155 1.36 9.00 14.75
CA GLU C 155 2.76 8.67 14.94
C GLU C 155 2.85 7.29 15.59
N PRO C 156 3.99 6.63 15.49
CA PRO C 156 5.26 7.00 14.86
C PRO C 156 5.53 6.27 13.55
N VAL C 157 6.57 6.73 12.85
CA VAL C 157 7.16 5.96 11.74
C VAL C 157 8.60 5.68 12.12
N THR C 158 9.09 4.49 11.75
CA THR C 158 10.52 4.20 11.85
C THR C 158 11.14 4.19 10.46
N VAL C 159 12.37 4.70 10.36
CA VAL C 159 13.16 4.70 9.15
C VAL C 159 14.52 4.12 9.50
N SER C 160 14.97 3.17 8.70
CA SER C 160 16.35 2.73 8.74
C SER C 160 16.87 2.75 7.31
N TRP C 161 18.18 2.54 7.14
CA TRP C 161 18.72 2.54 5.79
C TRP C 161 19.50 1.25 5.57
N ASN C 162 19.36 0.72 4.37
CA ASN C 162 20.00 -0.54 3.97
C ASN C 162 19.85 -1.60 5.06
N SER C 163 18.67 -1.66 5.69
CA SER C 163 18.29 -2.71 6.62
C SER C 163 19.00 -2.57 7.96
N GLY C 164 19.42 -1.36 8.32
CA GLY C 164 20.18 -1.12 9.51
C GLY C 164 21.69 -1.15 9.32
N ALA C 165 22.16 -1.60 8.15
CA ALA C 165 23.60 -1.65 7.89
C ALA C 165 24.21 -0.26 7.74
N LEU C 166 23.46 0.71 7.25
CA LEU C 166 23.92 2.07 7.10
C LEU C 166 23.41 2.89 8.25
N THR C 167 24.31 3.28 9.15
CA THR C 167 24.03 4.13 10.30
C THR C 167 24.74 5.46 10.27
N SER C 168 25.97 5.51 9.76
CA SER C 168 26.74 6.74 9.89
C SER C 168 26.27 7.73 8.83
N GLY C 169 26.06 8.98 9.25
CA GLY C 169 25.56 9.99 8.35
C GLY C 169 24.06 10.01 8.20
N VAL C 170 23.34 9.21 8.97
CA VAL C 170 21.88 9.15 8.88
C VAL C 170 21.28 10.17 9.85
N HIS C 171 20.34 10.96 9.35
CA HIS C 171 19.62 11.93 10.18
C HIS C 171 18.14 11.83 9.79
N THR C 172 17.33 11.22 10.66
CA THR C 172 15.88 11.18 10.45
C THR C 172 15.29 12.32 11.27
N PHE C 173 14.60 13.27 10.59
CA PHE C 173 14.21 14.53 11.18
C PHE C 173 12.91 14.37 11.96
N PRO C 174 12.69 15.20 12.97
CA PRO C 174 11.40 15.14 13.67
C PRO C 174 10.27 15.42 12.70
N ALA C 175 9.15 14.73 12.91
CA ALA C 175 8.02 14.90 12.00
C ALA C 175 7.40 16.29 12.14
N VAL C 176 6.83 16.78 11.05
CA VAL C 176 6.02 17.99 11.07
C VAL C 176 4.56 17.58 11.19
N LEU C 177 3.82 18.30 12.05
CA LEU C 177 2.37 18.14 12.14
C LEU C 177 1.76 19.23 11.29
N GLN C 178 1.15 18.84 10.20
CA GLN C 178 0.68 19.79 9.23
C GLN C 178 -0.66 20.37 9.65
N SER C 179 -1.04 21.45 8.99
CA SER C 179 -2.36 22.03 9.19
C SER C 179 -3.47 21.04 8.86
N SER C 180 -3.17 20.05 8.02
CA SER C 180 -4.11 18.99 7.69
C SER C 180 -4.35 18.04 8.86
N GLY C 181 -3.59 18.14 9.93
CA GLY C 181 -3.69 17.16 10.99
C GLY C 181 -2.95 15.86 10.71
N LEU C 182 -2.15 15.82 9.65
CA LEU C 182 -1.37 14.63 9.30
C LEU C 182 0.11 14.92 9.50
N TYR C 183 0.91 13.85 9.65
CA TYR C 183 2.35 14.00 9.87
C TYR C 183 3.12 13.78 8.57
N SER C 184 4.28 14.44 8.47
CA SER C 184 5.25 14.08 7.44
C SER C 184 6.63 14.07 8.09
N LEU C 185 7.54 13.26 7.54
CA LEU C 185 8.92 13.38 8.00
C LEU C 185 9.86 13.03 6.88
N SER C 186 11.10 13.45 7.05
CA SER C 186 12.14 13.13 6.08
C SER C 186 13.30 12.48 6.79
N SER C 187 13.97 11.56 6.07
CA SER C 187 15.18 10.96 6.61
C SER C 187 16.23 11.16 5.54
N VAL C 188 17.42 11.64 5.94
CA VAL C 188 18.43 11.99 4.95
C VAL C 188 19.74 11.32 5.36
N VAL C 189 20.48 10.85 4.40
CA VAL C 189 21.80 10.33 4.71
C VAL C 189 22.81 11.07 3.84
N THR C 190 23.91 11.47 4.46
CA THR C 190 25.00 12.14 3.76
C THR C 190 26.06 11.10 3.49
N VAL C 191 26.41 10.95 2.23
CA VAL C 191 27.31 9.90 1.76
C VAL C 191 28.36 10.52 0.85
N PRO C 192 29.47 9.82 0.65
CA PRO C 192 30.47 10.28 -0.33
C PRO C 192 29.88 10.31 -1.73
N SER C 193 30.05 11.43 -2.43
CA SER C 193 29.60 11.49 -3.82
C SER C 193 30.14 10.31 -4.62
N SER C 194 31.33 9.82 -4.23
CA SER C 194 31.97 8.71 -4.95
C SER C 194 31.21 7.39 -4.81
N SER C 195 30.49 7.18 -3.69
CA SER C 195 29.79 5.92 -3.52
C SER C 195 28.50 5.84 -4.34
N LEU C 196 28.13 6.91 -5.04
CA LEU C 196 26.79 6.95 -5.64
C LEU C 196 26.68 6.00 -6.81
N GLY C 197 27.68 6.00 -7.69
CA GLY C 197 27.60 5.16 -8.88
C GLY C 197 27.47 3.69 -8.59
N THR C 198 27.88 3.25 -7.39
CA THR C 198 28.01 1.81 -7.15
C THR C 198 27.38 1.31 -5.85
N GLN C 199 26.97 2.17 -4.93
CA GLN C 199 26.32 1.73 -3.69
C GLN C 199 24.81 1.89 -3.84
N THR C 200 24.07 0.84 -3.50
CA THR C 200 22.63 0.91 -3.50
C THR C 200 22.16 1.45 -2.15
N TYR C 201 21.22 2.39 -2.17
CA TYR C 201 20.71 2.98 -0.93
C TYR C 201 19.21 2.75 -0.91
N ILE C 202 18.73 2.11 0.15
CA ILE C 202 17.33 1.76 0.34
C ILE C 202 16.89 2.26 1.69
N CYS C 203 15.81 3.04 1.73
CA CYS C 203 15.25 3.46 3.01
C CYS C 203 14.12 2.52 3.37
N ASN C 204 14.16 2.01 4.61
CA ASN C 204 13.23 1.02 5.13
C ASN C 204 12.27 1.78 6.03
N VAL C 205 11.03 1.95 5.58
CA VAL C 205 10.03 2.73 6.28
C VAL C 205 8.98 1.78 6.82
N ASN C 206 8.58 1.97 8.06
CA ASN C 206 7.55 1.09 8.58
C ASN C 206 6.62 1.98 9.38
N HIS C 207 5.35 2.04 8.98
CA HIS C 207 4.31 2.76 9.74
C HIS C 207 3.38 1.65 10.19
N LYS C 208 3.62 1.11 11.39
CA LYS C 208 2.87 -0.06 11.80
C LYS C 208 1.39 0.20 11.97
N PRO C 209 0.92 1.40 12.42
CA PRO C 209 -0.54 1.60 12.58
C PRO C 209 -1.32 1.36 11.31
N SER C 210 -0.74 1.58 10.14
CA SER C 210 -1.45 1.34 8.89
C SER C 210 -0.87 0.17 8.11
N ASN C 211 0.00 -0.60 8.75
CA ASN C 211 0.80 -1.64 8.10
C ASN C 211 1.32 -1.19 6.74
N THR C 212 1.99 -0.04 6.74
CA THR C 212 2.73 0.42 5.58
C THR C 212 4.18 0.07 5.87
N LYS C 213 4.71 -0.95 5.16
CA LYS C 213 6.10 -1.36 5.29
C LYS C 213 6.71 -1.36 3.90
N VAL C 214 7.59 -0.40 3.65
CA VAL C 214 8.10 -0.11 2.31
C VAL C 214 9.61 -0.06 2.41
N ASP C 215 10.30 -0.67 1.43
CA ASP C 215 11.75 -0.48 1.29
C ASP C 215 11.94 0.21 -0.04
N LYS C 216 12.27 1.49 -0.02
CA LYS C 216 12.27 2.33 -1.21
C LYS C 216 13.70 2.58 -1.71
N LYS C 217 13.96 2.18 -2.95
CA LYS C 217 15.29 2.38 -3.51
C LYS C 217 15.45 3.85 -3.91
N VAL C 218 16.57 4.46 -3.52
CA VAL C 218 16.85 5.87 -3.81
C VAL C 218 17.99 5.93 -4.82
N GLU C 219 17.67 6.33 -6.05
CA GLU C 219 18.55 6.35 -7.21
C GLU C 219 18.73 7.78 -7.73
N PRO C 220 19.90 8.11 -8.31
CA PRO C 220 20.11 9.42 -8.97
C PRO C 220 19.16 9.70 -10.14
N VAL D 2 -27.75 -0.48 -33.48
CA VAL D 2 -27.77 -1.94 -33.42
C VAL D 2 -26.82 -2.49 -32.38
N GLN D 3 -27.30 -3.47 -31.60
CA GLN D 3 -26.51 -4.28 -30.69
C GLN D 3 -26.61 -5.76 -31.04
N LEU D 4 -25.50 -6.47 -30.82
CA LEU D 4 -25.38 -7.91 -31.07
C LEU D 4 -25.12 -8.61 -29.74
N GLN D 5 -25.97 -9.56 -29.39
CA GLN D 5 -25.87 -10.29 -28.12
C GLN D 5 -25.74 -11.78 -28.37
N GLU D 6 -24.56 -12.34 -28.07
CA GLU D 6 -24.31 -13.78 -28.22
C GLU D 6 -25.00 -14.58 -27.11
N SER D 7 -25.35 -15.82 -27.40
CA SER D 7 -25.84 -16.74 -26.38
C SER D 7 -25.46 -18.16 -26.75
N GLY D 8 -25.39 -19.03 -25.74
CA GLY D 8 -25.13 -20.44 -25.94
C GLY D 8 -24.00 -20.92 -25.04
N PRO D 9 -23.84 -22.23 -24.93
CA PRO D 9 -22.95 -22.78 -23.89
C PRO D 9 -21.48 -22.46 -24.13
N GLY D 10 -20.75 -22.29 -23.02
CA GLY D 10 -19.34 -22.01 -22.89
C GLY D 10 -18.47 -23.25 -22.84
N LEU D 11 -19.09 -24.42 -22.88
CA LEU D 11 -18.39 -25.69 -22.81
C LEU D 11 -19.07 -26.64 -23.80
N VAL D 12 -18.28 -27.31 -24.65
CA VAL D 12 -18.75 -28.33 -25.59
C VAL D 12 -17.85 -29.56 -25.49
N LYS D 13 -18.46 -30.73 -25.39
CA LYS D 13 -17.69 -31.97 -25.34
C LYS D 13 -16.92 -32.20 -26.64
N PRO D 14 -15.68 -32.71 -26.58
CA PRO D 14 -15.00 -33.11 -27.82
C PRO D 14 -15.86 -34.05 -28.63
N SER D 15 -15.94 -33.78 -29.94
CA SER D 15 -16.73 -34.51 -30.92
C SER D 15 -18.17 -34.02 -30.93
N GLY D 16 -18.53 -33.07 -30.07
CA GLY D 16 -19.85 -32.51 -30.03
C GLY D 16 -20.02 -31.39 -31.06
N THR D 17 -21.15 -30.71 -30.93
CA THR D 17 -21.47 -29.61 -31.84
C THR D 17 -21.55 -28.34 -31.01
N LEU D 18 -20.76 -27.36 -31.39
CA LEU D 18 -20.87 -26.05 -30.78
C LEU D 18 -22.05 -25.33 -31.43
N SER D 19 -22.93 -24.73 -30.61
CA SER D 19 -24.05 -23.93 -31.10
C SER D 19 -24.04 -22.60 -30.40
N LEU D 20 -24.03 -21.51 -31.18
CA LEU D 20 -24.15 -20.14 -30.67
C LEU D 20 -25.22 -19.39 -31.44
N THR D 21 -25.85 -18.44 -30.74
CA THR D 21 -26.85 -17.59 -31.35
C THR D 21 -26.51 -16.13 -31.09
N CYS D 22 -26.83 -15.29 -32.07
CA CYS D 22 -26.64 -13.86 -31.96
C CYS D 22 -28.04 -13.23 -32.15
N THR D 23 -28.48 -12.48 -31.15
CA THR D 23 -29.75 -11.78 -31.27
C THR D 23 -29.47 -10.32 -31.61
N VAL D 24 -30.08 -9.85 -32.68
CA VAL D 24 -29.86 -8.50 -33.15
C VAL D 24 -30.91 -7.61 -32.53
N SER D 25 -30.49 -6.48 -31.98
N SER D 25 -30.46 -6.50 -31.95
CA SER D 25 -31.41 -5.48 -31.45
CA SER D 25 -31.34 -5.45 -31.44
C SER D 25 -31.08 -4.12 -32.05
C SER D 25 -31.11 -4.20 -32.27
N GLY D 26 -32.12 -3.33 -32.35
CA GLY D 26 -31.93 -2.04 -32.96
C GLY D 26 -31.97 -2.04 -34.47
N GLY D 27 -32.28 -3.17 -35.09
CA GLY D 27 -32.27 -3.25 -36.54
C GLY D 27 -32.77 -4.62 -36.90
N PHE D 28 -33.04 -4.82 -38.20
CA PHE D 28 -33.56 -6.07 -38.72
C PHE D 28 -32.42 -6.93 -39.26
N ILE D 29 -32.60 -8.25 -39.15
CA ILE D 29 -31.75 -9.18 -39.88
C ILE D 29 -31.83 -8.87 -41.36
N SER D 30 -33.04 -8.59 -41.83
N SER D 30 -33.03 -8.59 -41.84
CA SER D 30 -33.20 -8.19 -43.21
CA SER D 30 -33.19 -8.21 -43.23
C SER D 30 -32.61 -6.78 -43.37
C SER D 30 -32.64 -6.80 -43.43
N SER D 31 -31.47 -6.69 -44.04
CA SER D 31 -30.84 -5.42 -44.37
C SER D 31 -29.87 -5.78 -45.47
N ARG D 32 -29.06 -4.83 -45.88
CA ARG D 32 -28.06 -5.11 -46.90
C ARG D 32 -26.76 -5.60 -46.25
N ASN D 33 -26.74 -5.70 -44.94
CA ASN D 33 -25.59 -6.23 -44.24
C ASN D 33 -25.51 -7.73 -44.41
N TRP D 34 -24.31 -8.29 -44.25
CA TRP D 34 -24.19 -9.72 -44.02
C TRP D 34 -23.83 -9.94 -42.55
N TRP D 35 -24.14 -11.13 -42.05
CA TRP D 35 -23.97 -11.46 -40.64
C TRP D 35 -22.93 -12.57 -40.54
N SER D 36 -21.99 -12.41 -39.62
CA SER D 36 -20.82 -13.30 -39.68
C SER D 36 -20.43 -13.77 -38.29
N TRP D 37 -19.53 -14.74 -38.29
CA TRP D 37 -18.89 -15.27 -37.09
C TRP D 37 -17.40 -15.27 -37.29
N VAL D 38 -16.67 -14.76 -36.29
CA VAL D 38 -15.21 -14.72 -36.30
C VAL D 38 -14.73 -15.32 -34.98
N ARG D 39 -13.64 -16.07 -35.00
CA ARG D 39 -13.16 -16.55 -33.72
C ARG D 39 -11.71 -16.17 -33.50
N GLN D 40 -11.27 -16.28 -32.26
CA GLN D 40 -9.92 -15.91 -31.89
C GLN D 40 -9.45 -16.82 -30.76
N PRO D 41 -8.62 -17.82 -31.10
CA PRO D 41 -8.03 -18.66 -30.06
C PRO D 41 -7.17 -17.83 -29.11
N PRO D 42 -7.09 -18.25 -27.84
CA PRO D 42 -6.33 -17.49 -26.82
C PRO D 42 -4.93 -17.06 -27.27
N GLY D 43 -4.67 -15.76 -27.22
CA GLY D 43 -3.36 -15.29 -27.62
C GLY D 43 -3.07 -15.27 -29.10
N LYS D 44 -4.05 -15.53 -29.99
CA LYS D 44 -3.77 -15.64 -31.41
C LYS D 44 -4.57 -14.58 -32.20
N GLY D 45 -4.51 -14.69 -33.53
CA GLY D 45 -5.16 -13.72 -34.38
C GLY D 45 -6.60 -14.09 -34.71
N LEU D 46 -7.23 -13.24 -35.52
CA LEU D 46 -8.63 -13.42 -35.93
C LEU D 46 -8.77 -14.39 -37.08
N GLU D 47 -9.78 -15.26 -37.00
CA GLU D 47 -10.08 -16.19 -38.09
C GLU D 47 -11.55 -16.10 -38.42
N TRP D 48 -11.86 -15.74 -39.66
CA TRP D 48 -13.26 -15.66 -40.08
C TRP D 48 -13.82 -17.06 -40.32
N ILE D 49 -15.03 -17.28 -39.83
CA ILE D 49 -15.68 -18.57 -39.96
C ILE D 49 -16.61 -18.56 -41.16
N GLY D 50 -17.43 -17.53 -41.31
CA GLY D 50 -18.42 -17.59 -42.37
C GLY D 50 -19.37 -16.41 -42.22
N GLU D 51 -20.24 -16.28 -43.21
CA GLU D 51 -21.20 -15.19 -43.27
C GLU D 51 -22.51 -15.74 -43.83
N VAL D 52 -23.61 -15.01 -43.55
CA VAL D 52 -24.93 -15.37 -44.07
C VAL D 52 -25.68 -14.08 -44.41
N TYR D 53 -26.49 -14.14 -45.46
CA TYR D 53 -27.36 -13.05 -45.88
C TYR D 53 -28.79 -13.33 -45.40
N HIS D 54 -29.60 -12.29 -45.29
CA HIS D 54 -30.95 -12.52 -44.73
C HIS D 54 -31.76 -13.50 -45.56
N THR D 55 -31.44 -13.65 -46.83
CA THR D 55 -32.15 -14.61 -47.68
C THR D 55 -31.72 -16.05 -47.38
N GLY D 56 -30.72 -16.21 -46.53
CA GLY D 56 -30.25 -17.53 -46.15
C GLY D 56 -29.02 -18.00 -46.90
N ILE D 57 -28.53 -17.25 -47.87
CA ILE D 57 -27.34 -17.64 -48.61
C ILE D 57 -26.11 -17.59 -47.70
N THR D 58 -25.27 -18.63 -47.76
CA THR D 58 -24.12 -18.71 -46.83
C THR D 58 -22.82 -18.73 -47.61
N ASN D 59 -21.73 -18.46 -46.91
CA ASN D 59 -20.39 -18.52 -47.48
C ASN D 59 -19.39 -18.76 -46.34
N TYR D 60 -18.57 -19.82 -46.42
CA TYR D 60 -17.78 -20.26 -45.29
C TYR D 60 -16.30 -20.24 -45.60
N ASN D 61 -15.53 -20.09 -44.55
CA ASN D 61 -14.09 -20.35 -44.64
C ASN D 61 -13.86 -21.74 -45.19
N PRO D 62 -13.09 -21.88 -46.28
CA PRO D 62 -12.95 -23.20 -46.91
C PRO D 62 -12.41 -24.26 -46.00
N SER D 63 -11.60 -23.89 -45.01
CA SER D 63 -11.04 -24.92 -44.16
C SER D 63 -12.04 -25.42 -43.10
N LEU D 64 -13.16 -24.71 -42.92
CA LEU D 64 -14.20 -25.11 -41.98
C LEU D 64 -15.48 -25.52 -42.68
N LYS D 65 -15.53 -25.48 -44.01
CA LYS D 65 -16.82 -25.60 -44.70
C LYS D 65 -17.55 -26.90 -44.35
N SER D 66 -16.83 -28.01 -44.23
CA SER D 66 -17.53 -29.27 -43.98
C SER D 66 -18.08 -29.39 -42.56
N ARG D 67 -17.70 -28.50 -41.65
CA ARG D 67 -18.13 -28.60 -40.25
C ARG D 67 -19.06 -27.50 -39.81
N VAL D 68 -19.27 -26.47 -40.64
CA VAL D 68 -19.95 -25.25 -40.21
C VAL D 68 -21.34 -25.20 -40.80
N THR D 69 -22.32 -24.71 -40.02
CA THR D 69 -23.57 -24.25 -40.58
C THR D 69 -23.90 -22.90 -39.95
N ILE D 70 -24.20 -21.93 -40.79
CA ILE D 70 -24.69 -20.63 -40.32
C ILE D 70 -26.12 -20.45 -40.83
N SER D 71 -26.99 -19.92 -39.99
CA SER D 71 -28.40 -19.82 -40.35
C SER D 71 -28.96 -18.51 -39.83
N VAL D 72 -30.09 -18.11 -40.39
N VAL D 72 -30.06 -18.05 -40.44
CA VAL D 72 -30.80 -16.95 -39.90
CA VAL D 72 -30.78 -16.91 -39.89
C VAL D 72 -32.21 -17.38 -39.53
C VAL D 72 -32.17 -17.40 -39.51
N ASP D 73 -32.78 -16.72 -38.53
CA ASP D 73 -34.18 -16.91 -38.13
C ASP D 73 -34.82 -15.53 -38.00
N LYS D 74 -35.50 -15.06 -39.05
CA LYS D 74 -36.05 -13.71 -39.01
C LYS D 74 -37.19 -13.58 -38.02
N SER D 75 -37.87 -14.70 -37.72
CA SER D 75 -38.99 -14.60 -36.78
C SER D 75 -38.49 -14.30 -35.35
N LYS D 76 -37.21 -14.52 -35.07
CA LYS D 76 -36.61 -14.15 -33.78
C LYS D 76 -35.55 -13.06 -33.93
N ASN D 77 -35.34 -12.53 -35.14
CA ASN D 77 -34.29 -11.53 -35.43
C ASN D 77 -32.91 -12.00 -34.95
N GLN D 78 -32.56 -13.24 -35.30
N GLN D 78 -32.56 -13.24 -35.30
CA GLN D 78 -31.32 -13.84 -34.81
CA GLN D 78 -31.36 -13.91 -34.82
C GLN D 78 -30.61 -14.52 -35.96
C GLN D 78 -30.59 -14.51 -35.99
N PHE D 79 -29.31 -14.79 -35.76
CA PHE D 79 -28.56 -15.69 -36.62
C PHE D 79 -27.69 -16.58 -35.73
N SER D 80 -27.32 -17.75 -36.26
N SER D 80 -27.29 -17.74 -36.26
CA SER D 80 -26.69 -18.77 -35.43
CA SER D 80 -26.71 -18.75 -35.40
C SER D 80 -25.54 -19.45 -36.11
C SER D 80 -25.56 -19.47 -36.10
N LEU D 81 -24.73 -20.13 -35.30
CA LEU D 81 -23.59 -20.89 -35.79
C LEU D 81 -23.64 -22.28 -35.22
N LYS D 82 -23.39 -23.29 -36.06
CA LYS D 82 -23.19 -24.65 -35.60
C LYS D 82 -21.87 -25.12 -36.13
N LEU D 83 -21.01 -25.63 -35.24
CA LEU D 83 -19.71 -26.15 -35.67
C LEU D 83 -19.64 -27.57 -35.15
N SER D 84 -19.56 -28.55 -36.04
CA SER D 84 -19.65 -29.93 -35.63
C SER D 84 -18.25 -30.54 -35.46
N SER D 85 -18.21 -31.72 -34.80
CA SER D 85 -17.00 -32.52 -34.64
C SER D 85 -15.87 -31.70 -34.01
N VAL D 86 -16.18 -31.00 -32.90
CA VAL D 86 -15.20 -30.06 -32.38
C VAL D 86 -14.06 -30.82 -31.70
N THR D 87 -12.88 -30.22 -31.71
CA THR D 87 -11.72 -30.68 -30.95
C THR D 87 -11.16 -29.51 -30.16
N ALA D 88 -10.14 -29.79 -29.32
CA ALA D 88 -9.54 -28.69 -28.55
C ALA D 88 -9.01 -27.58 -29.44
N ALA D 89 -8.74 -27.86 -30.72
CA ALA D 89 -8.34 -26.80 -31.64
C ALA D 89 -9.43 -25.77 -31.88
N ASP D 90 -10.67 -26.07 -31.48
CA ASP D 90 -11.78 -25.14 -31.62
C ASP D 90 -12.01 -24.29 -30.36
N THR D 91 -11.21 -24.44 -29.32
CA THR D 91 -11.30 -23.56 -28.16
C THR D 91 -10.95 -22.13 -28.57
N ALA D 92 -11.81 -21.17 -28.22
CA ALA D 92 -11.59 -19.83 -28.75
C ALA D 92 -12.70 -18.92 -28.24
N VAL D 93 -12.45 -17.62 -28.30
CA VAL D 93 -13.52 -16.63 -28.17
C VAL D 93 -14.21 -16.50 -29.52
N TYR D 94 -15.53 -16.64 -29.54
CA TYR D 94 -16.29 -16.57 -30.79
C TYR D 94 -17.04 -15.25 -30.77
N TYR D 95 -16.90 -14.48 -31.84
CA TYR D 95 -17.60 -13.20 -31.97
C TYR D 95 -18.69 -13.31 -33.03
N CYS D 96 -19.88 -12.75 -32.77
CA CYS D 96 -20.71 -12.45 -33.93
C CYS D 96 -20.38 -11.02 -34.39
N ALA D 97 -20.56 -10.76 -35.69
CA ALA D 97 -20.18 -9.46 -36.25
C ALA D 97 -21.09 -9.11 -37.42
N ARG D 98 -21.25 -7.81 -37.67
CA ARG D 98 -22.03 -7.34 -38.82
C ARG D 98 -21.03 -6.88 -39.87
N GLU D 99 -21.23 -7.34 -41.10
CA GLU D 99 -20.40 -6.96 -42.24
C GLU D 99 -21.15 -5.93 -43.06
N VAL D 100 -20.37 -5.00 -43.58
CA VAL D 100 -20.82 -4.04 -44.58
C VAL D 100 -20.19 -4.50 -45.87
N VAL D 101 -21.03 -4.80 -46.86
CA VAL D 101 -20.56 -5.43 -48.09
C VAL D 101 -21.03 -4.61 -49.27
N GLY D 102 -20.08 -4.08 -50.03
CA GLY D 102 -20.35 -3.36 -51.26
C GLY D 102 -20.04 -4.24 -52.46
N PRO D 103 -20.10 -3.66 -53.65
CA PRO D 103 -19.83 -4.48 -54.83
C PRO D 103 -18.40 -4.98 -54.89
N THR D 104 -17.44 -4.28 -54.27
CA THR D 104 -16.06 -4.72 -54.43
C THR D 104 -15.28 -4.82 -53.14
N THR D 105 -15.89 -4.46 -52.00
CA THR D 105 -15.17 -4.41 -50.73
C THR D 105 -16.12 -4.74 -49.60
N GLY D 106 -15.53 -5.15 -48.48
CA GLY D 106 -16.32 -5.41 -47.29
C GLY D 106 -15.49 -5.21 -46.05
N TYR D 107 -16.18 -5.02 -44.93
CA TYR D 107 -15.50 -4.85 -43.66
C TYR D 107 -16.50 -5.16 -42.53
N PHE D 108 -16.01 -5.16 -41.28
CA PHE D 108 -16.82 -5.47 -40.10
C PHE D 108 -17.11 -4.20 -39.35
N ASP D 109 -18.38 -3.81 -39.24
CA ASP D 109 -18.58 -2.52 -38.61
C ASP D 109 -19.16 -2.62 -37.21
N LEU D 110 -19.45 -3.83 -36.73
CA LEU D 110 -20.06 -3.98 -35.41
C LEU D 110 -19.70 -5.37 -34.93
N TRP D 111 -19.32 -5.48 -33.66
CA TRP D 111 -18.90 -6.76 -33.10
C TRP D 111 -19.70 -7.02 -31.83
N GLY D 112 -20.06 -8.28 -31.61
CA GLY D 112 -20.59 -8.66 -30.32
C GLY D 112 -19.50 -8.71 -29.27
N ARG D 113 -19.90 -9.03 -28.04
CA ARG D 113 -18.91 -8.99 -26.96
C ARG D 113 -17.94 -10.18 -27.00
N GLY D 114 -18.35 -11.29 -27.60
CA GLY D 114 -17.51 -12.48 -27.64
C GLY D 114 -17.91 -13.44 -26.55
N THR D 115 -17.82 -14.73 -26.84
N THR D 115 -17.88 -14.73 -26.88
CA THR D 115 -18.13 -15.71 -25.83
CA THR D 115 -18.15 -15.83 -25.95
C THR D 115 -17.05 -16.79 -25.91
C THR D 115 -16.96 -16.76 -25.95
N LEU D 116 -16.43 -17.06 -24.78
CA LEU D 116 -15.37 -18.05 -24.72
C LEU D 116 -16.03 -19.41 -24.80
N VAL D 117 -15.53 -20.26 -25.69
N VAL D 117 -15.57 -20.26 -25.70
CA VAL D 117 -16.05 -21.64 -25.77
CA VAL D 117 -16.07 -21.63 -25.72
C VAL D 117 -14.84 -22.54 -25.60
C VAL D 117 -14.87 -22.55 -25.59
N THR D 118 -14.92 -23.44 -24.61
CA THR D 118 -13.82 -24.35 -24.32
C THR D 118 -14.30 -25.74 -24.67
N ILE D 119 -13.48 -26.47 -25.43
CA ILE D 119 -13.83 -27.81 -25.86
C ILE D 119 -13.29 -28.79 -24.81
N VAL D 120 -14.14 -29.20 -23.88
CA VAL D 120 -13.75 -30.05 -22.76
C VAL D 120 -15.06 -30.61 -22.19
N SER D 121 -14.98 -31.73 -21.47
N SER D 121 -14.99 -31.71 -21.44
CA SER D 121 -16.16 -32.31 -20.84
CA SER D 121 -16.20 -32.25 -20.83
C SER D 121 -16.27 -31.99 -19.35
C SER D 121 -16.27 -31.99 -19.33
N ARG D 122 -15.16 -32.06 -18.63
CA ARG D 122 -15.23 -31.97 -17.17
C ARG D 122 -15.52 -30.54 -16.73
N ARG D 123 -16.21 -30.38 -15.61
CA ARG D 123 -16.30 -29.05 -15.03
C ARG D 123 -16.46 -29.15 -13.52
N LEU D 124 -16.16 -28.04 -12.83
CA LEU D 124 -16.13 -28.07 -11.37
C LEU D 124 -16.68 -26.74 -10.87
N PRO D 125 -17.62 -26.74 -9.92
CA PRO D 125 -18.17 -25.50 -9.40
C PRO D 125 -17.19 -24.87 -8.41
N PRO D 126 -17.13 -23.56 -8.37
CA PRO D 126 -16.28 -22.88 -7.37
C PRO D 126 -16.94 -22.84 -6.01
N SER D 127 -16.11 -22.64 -4.99
CA SER D 127 -16.56 -22.20 -3.68
C SER D 127 -16.44 -20.69 -3.70
N VAL D 128 -17.38 -19.99 -3.07
CA VAL D 128 -17.34 -18.53 -3.03
C VAL D 128 -17.23 -18.10 -1.57
N PHE D 129 -16.16 -17.37 -1.26
CA PHE D 129 -15.89 -16.99 0.12
C PHE D 129 -15.80 -15.49 0.22
N PRO D 130 -16.39 -14.88 1.23
CA PRO D 130 -16.27 -13.43 1.38
C PRO D 130 -14.88 -13.08 1.86
N LEU D 131 -14.42 -11.92 1.44
CA LEU D 131 -13.14 -11.34 1.87
C LEU D 131 -13.56 -10.10 2.66
N ALA D 132 -13.66 -10.26 3.98
CA ALA D 132 -14.40 -9.32 4.85
C ALA D 132 -13.65 -8.00 5.01
N PRO D 133 -14.37 -6.88 5.04
CA PRO D 133 -13.72 -5.61 5.38
C PRO D 133 -13.27 -5.67 6.83
N SER D 134 -12.12 -5.08 7.10
CA SER D 134 -11.54 -5.18 8.42
C SER D 134 -10.80 -3.89 8.73
N SER D 135 -10.34 -3.78 9.98
CA SER D 135 -9.48 -2.66 10.34
C SER D 135 -8.28 -2.58 9.41
N LYS D 136 -7.71 -3.75 9.03
CA LYS D 136 -6.54 -3.79 8.18
C LYS D 136 -6.82 -3.42 6.73
N SER D 137 -8.08 -3.53 6.29
CA SER D 137 -8.44 -3.19 4.94
C SER D 137 -9.08 -1.81 4.84
N THR D 138 -9.02 -1.01 5.92
CA THR D 138 -9.83 0.20 6.03
C THR D 138 -8.92 1.33 6.49
N SER D 139 -8.85 2.40 5.70
N SER D 139 -8.85 2.40 5.70
CA SER D 139 -8.10 3.58 6.13
CA SER D 139 -8.07 3.58 6.08
C SER D 139 -8.68 4.83 5.45
C SER D 139 -8.68 4.83 5.44
N GLY D 140 -8.67 5.93 6.19
CA GLY D 140 -9.06 7.23 5.66
C GLY D 140 -10.33 7.28 4.85
N GLY D 141 -11.42 6.77 5.41
CA GLY D 141 -12.71 6.94 4.80
C GLY D 141 -13.05 5.92 3.75
N THR D 142 -12.10 5.02 3.40
CA THR D 142 -12.40 3.94 2.45
C THR D 142 -12.07 2.58 3.06
N ALA D 143 -12.82 1.57 2.60
CA ALA D 143 -12.66 0.20 3.07
C ALA D 143 -12.66 -0.72 1.87
N ALA D 144 -11.82 -1.75 1.89
CA ALA D 144 -11.83 -2.72 0.81
C ALA D 144 -12.44 -4.01 1.30
N LEU D 145 -13.22 -4.63 0.42
CA LEU D 145 -13.77 -5.94 0.71
C LEU D 145 -13.87 -6.69 -0.62
N GLY D 146 -14.15 -7.97 -0.54
CA GLY D 146 -14.15 -8.68 -1.82
C GLY D 146 -14.71 -10.07 -1.75
N CYS D 147 -14.50 -10.81 -2.82
CA CYS D 147 -14.98 -12.20 -2.88
C CYS D 147 -13.87 -13.08 -3.50
N LEU D 148 -13.69 -14.25 -2.92
CA LEU D 148 -12.74 -15.23 -3.50
C LEU D 148 -13.56 -16.33 -4.17
N VAL D 149 -13.29 -16.54 -5.45
CA VAL D 149 -13.99 -17.57 -6.19
C VAL D 149 -12.95 -18.66 -6.43
N LYS D 150 -13.05 -19.75 -5.67
CA LYS D 150 -11.96 -20.69 -5.54
C LYS D 150 -12.22 -21.99 -6.31
N ASP D 151 -11.27 -22.40 -7.12
CA ASP D 151 -11.18 -23.78 -7.64
C ASP D 151 -12.34 -24.14 -8.57
N TYR D 152 -12.48 -23.45 -9.69
CA TYR D 152 -13.49 -23.78 -10.67
C TYR D 152 -12.82 -24.18 -11.99
N PHE D 153 -13.64 -24.74 -12.86
CA PHE D 153 -13.13 -25.19 -14.15
C PHE D 153 -14.33 -25.50 -15.04
N PRO D 154 -14.27 -25.13 -16.34
CA PRO D 154 -13.26 -24.28 -16.98
C PRO D 154 -13.56 -22.76 -16.76
N GLU D 155 -12.78 -21.88 -17.40
CA GLU D 155 -13.20 -20.49 -17.55
C GLU D 155 -14.49 -20.43 -18.37
N PRO D 156 -15.28 -19.34 -18.25
CA PRO D 156 -15.09 -18.15 -17.42
C PRO D 156 -16.03 -18.06 -16.24
N VAL D 157 -15.72 -17.13 -15.33
CA VAL D 157 -16.61 -16.74 -14.23
C VAL D 157 -16.90 -15.26 -14.40
N THR D 158 -18.12 -14.86 -14.10
CA THR D 158 -18.44 -13.43 -14.07
C THR D 158 -18.76 -13.04 -12.64
N VAL D 159 -18.37 -11.83 -12.26
CA VAL D 159 -18.62 -11.33 -10.92
C VAL D 159 -19.20 -9.93 -11.06
N SER D 160 -20.28 -9.67 -10.35
CA SER D 160 -20.79 -8.31 -10.26
C SER D 160 -21.06 -8.06 -8.79
N TRP D 161 -21.38 -6.82 -8.46
CA TRP D 161 -21.59 -6.43 -7.07
C TRP D 161 -22.95 -5.74 -6.97
N ASN D 162 -23.73 -6.11 -5.95
CA ASN D 162 -25.07 -5.54 -5.75
C ASN D 162 -25.89 -5.58 -7.03
N SER D 163 -25.79 -6.71 -7.74
CA SER D 163 -26.61 -6.99 -8.91
C SER D 163 -26.38 -5.97 -10.03
N GLY D 164 -25.16 -5.44 -10.13
CA GLY D 164 -24.83 -4.46 -11.15
C GLY D 164 -24.93 -3.02 -10.70
N ALA D 165 -25.51 -2.76 -9.52
CA ALA D 165 -25.69 -1.39 -9.06
C ALA D 165 -24.40 -0.77 -8.56
N LEU D 166 -23.42 -1.57 -8.15
CA LEU D 166 -22.14 -1.07 -7.67
C LEU D 166 -21.11 -1.37 -8.74
N THR D 167 -20.55 -0.31 -9.36
CA THR D 167 -19.53 -0.47 -10.38
C THR D 167 -18.25 0.34 -10.13
N SER D 168 -18.35 1.53 -9.54
CA SER D 168 -17.15 2.31 -9.27
C SER D 168 -16.37 1.64 -8.15
N GLY D 169 -15.06 1.56 -8.32
CA GLY D 169 -14.23 0.98 -7.29
C GLY D 169 -14.15 -0.54 -7.33
N VAL D 170 -14.80 -1.17 -8.27
CA VAL D 170 -14.68 -2.64 -8.41
C VAL D 170 -13.48 -2.98 -9.25
N HIS D 171 -12.69 -3.98 -8.80
CA HIS D 171 -11.56 -4.51 -9.57
C HIS D 171 -11.63 -6.03 -9.52
N THR D 172 -11.97 -6.65 -10.63
CA THR D 172 -11.97 -8.11 -10.68
C THR D 172 -10.68 -8.56 -11.32
N PHE D 173 -9.92 -9.38 -10.59
CA PHE D 173 -8.57 -9.71 -11.03
C PHE D 173 -8.61 -10.88 -12.03
N PRO D 174 -7.66 -10.92 -12.95
CA PRO D 174 -7.53 -12.11 -13.81
C PRO D 174 -7.32 -13.36 -12.98
N ALA D 175 -7.89 -14.46 -13.47
CA ALA D 175 -7.80 -15.72 -12.75
C ALA D 175 -6.38 -16.26 -12.76
N VAL D 176 -6.04 -16.99 -11.70
CA VAL D 176 -4.80 -17.79 -11.65
C VAL D 176 -5.15 -19.21 -12.06
N LEU D 177 -4.35 -19.79 -12.94
CA LEU D 177 -4.49 -21.19 -13.30
C LEU D 177 -3.48 -21.96 -12.46
N GLN D 178 -4.00 -22.78 -11.56
CA GLN D 178 -3.17 -23.39 -10.54
C GLN D 178 -2.58 -24.69 -11.07
N SER D 179 -1.50 -25.15 -10.43
CA SER D 179 -0.89 -26.42 -10.80
C SER D 179 -1.89 -27.57 -10.72
N SER D 180 -2.94 -27.45 -9.90
CA SER D 180 -4.01 -28.43 -9.83
C SER D 180 -4.86 -28.47 -11.08
N GLY D 181 -4.61 -27.59 -12.04
CA GLY D 181 -5.41 -27.47 -13.26
C GLY D 181 -6.73 -26.75 -13.09
N LEU D 182 -6.97 -26.13 -11.94
CA LEU D 182 -8.21 -25.42 -11.62
C LEU D 182 -7.89 -23.94 -11.49
N TYR D 183 -8.94 -23.12 -11.62
CA TYR D 183 -8.79 -21.68 -11.61
C TYR D 183 -9.31 -21.11 -10.30
N SER D 184 -8.76 -19.96 -9.93
CA SER D 184 -9.31 -19.17 -8.84
C SER D 184 -9.22 -17.71 -9.24
N LEU D 185 -10.17 -16.89 -8.75
CA LEU D 185 -10.01 -15.46 -8.95
C LEU D 185 -10.61 -14.73 -7.76
N SER D 186 -10.28 -13.44 -7.67
N SER D 186 -10.31 -13.45 -7.66
CA SER D 186 -10.81 -12.57 -6.63
CA SER D 186 -10.87 -12.61 -6.61
C SER D 186 -11.36 -11.29 -7.25
C SER D 186 -11.30 -11.28 -7.19
N SER D 187 -12.33 -10.71 -6.59
CA SER D 187 -12.90 -9.42 -6.97
C SER D 187 -12.90 -8.58 -5.73
N VAL D 188 -12.40 -7.35 -5.83
N VAL D 188 -12.41 -7.34 -5.82
CA VAL D 188 -12.38 -6.45 -4.68
CA VAL D 188 -12.33 -6.45 -4.66
C VAL D 188 -13.04 -5.15 -5.06
C VAL D 188 -12.96 -5.11 -5.01
N VAL D 189 -13.69 -4.54 -4.09
N VAL D 189 -13.76 -4.59 -4.09
CA VAL D 189 -14.33 -3.25 -4.30
CA VAL D 189 -14.38 -3.27 -4.23
C VAL D 189 -13.97 -2.38 -3.10
C VAL D 189 -13.89 -2.40 -3.08
N THR D 190 -13.68 -1.12 -3.37
CA THR D 190 -13.37 -0.13 -2.34
C THR D 190 -14.59 0.78 -2.20
N VAL D 191 -15.09 0.91 -0.98
CA VAL D 191 -16.33 1.64 -0.72
C VAL D 191 -16.06 2.66 0.38
N PRO D 192 -16.95 3.63 0.61
CA PRO D 192 -16.80 4.50 1.79
C PRO D 192 -16.95 3.69 3.06
N SER D 193 -16.00 3.86 3.97
CA SER D 193 -16.11 3.15 5.23
C SER D 193 -17.40 3.52 5.95
N SER D 194 -17.97 4.70 5.68
CA SER D 194 -19.15 5.06 6.44
C SER D 194 -20.37 4.27 5.99
N SER D 195 -20.28 3.61 4.84
CA SER D 195 -21.42 2.85 4.36
C SER D 195 -21.46 1.44 4.93
N LEU D 196 -20.42 1.00 5.63
CA LEU D 196 -20.36 -0.39 6.06
C LEU D 196 -21.53 -0.77 6.97
N GLY D 197 -21.98 0.16 7.81
CA GLY D 197 -23.04 -0.19 8.73
C GLY D 197 -24.45 -0.06 8.21
N THR D 198 -24.64 0.50 7.01
CA THR D 198 -25.98 0.73 6.52
C THR D 198 -26.26 0.16 5.12
N GLN D 199 -25.22 -0.19 4.35
CA GLN D 199 -25.42 -0.67 3.00
C GLN D 199 -24.93 -2.11 2.91
N THR D 200 -25.74 -3.00 2.33
CA THR D 200 -25.30 -4.39 2.18
C THR D 200 -24.49 -4.51 0.89
N TYR D 201 -23.42 -5.31 0.95
CA TYR D 201 -22.55 -5.55 -0.21
C TYR D 201 -22.63 -7.02 -0.53
N ILE D 202 -23.12 -7.33 -1.72
CA ILE D 202 -23.27 -8.72 -2.13
C ILE D 202 -22.47 -8.93 -3.40
N CYS D 203 -21.70 -9.99 -3.44
CA CYS D 203 -21.02 -10.30 -4.69
C CYS D 203 -21.74 -11.43 -5.43
N ASN D 204 -22.08 -11.17 -6.69
CA ASN D 204 -22.88 -12.04 -7.55
C ASN D 204 -21.90 -12.81 -8.42
N VAL D 205 -21.81 -14.12 -8.21
CA VAL D 205 -20.88 -14.94 -8.94
C VAL D 205 -21.65 -15.89 -9.83
N ASN D 206 -21.29 -15.99 -11.10
CA ASN D 206 -21.97 -16.92 -11.99
C ASN D 206 -20.93 -17.75 -12.72
N HIS D 207 -20.99 -19.08 -12.55
CA HIS D 207 -20.14 -19.99 -13.31
C HIS D 207 -21.11 -20.89 -14.07
N LYS D 208 -21.40 -20.53 -15.31
CA LYS D 208 -22.47 -21.21 -16.03
C LYS D 208 -22.18 -22.69 -16.27
N PRO D 209 -20.96 -23.10 -16.58
CA PRO D 209 -20.73 -24.53 -16.85
C PRO D 209 -21.13 -25.47 -15.72
N SER D 210 -21.09 -25.03 -14.46
CA SER D 210 -21.47 -25.89 -13.34
C SER D 210 -22.81 -25.50 -12.73
N ASN D 211 -23.58 -24.65 -13.39
CA ASN D 211 -24.84 -24.12 -12.83
C ASN D 211 -24.62 -23.54 -11.43
N THR D 212 -23.59 -22.69 -11.32
CA THR D 212 -23.22 -22.10 -10.04
C THR D 212 -23.67 -20.63 -10.12
N LYS D 213 -24.66 -20.25 -9.31
CA LYS D 213 -25.09 -18.86 -9.24
C LYS D 213 -25.31 -18.55 -7.77
N VAL D 214 -24.40 -17.77 -7.19
CA VAL D 214 -24.36 -17.49 -5.77
C VAL D 214 -24.33 -16.00 -5.59
N ASP D 215 -25.07 -15.48 -4.61
CA ASP D 215 -25.00 -14.07 -4.19
C ASP D 215 -24.54 -14.07 -2.74
N LYS D 216 -23.26 -13.76 -2.52
CA LYS D 216 -22.64 -13.88 -1.20
C LYS D 216 -22.57 -12.52 -0.53
N LYS D 217 -23.24 -12.40 0.61
CA LYS D 217 -23.15 -11.18 1.41
C LYS D 217 -21.76 -11.09 2.02
N VAL D 218 -21.17 -9.91 1.98
CA VAL D 218 -19.83 -9.68 2.52
C VAL D 218 -19.97 -8.70 3.67
N GLU D 219 -19.70 -9.16 4.89
CA GLU D 219 -19.85 -8.47 6.16
C GLU D 219 -18.56 -8.56 6.96
N PRO D 220 -18.33 -7.62 7.89
CA PRO D 220 -17.19 -7.76 8.82
C PRO D 220 -17.25 -9.06 9.61
N LYS D 221 -16.07 -9.53 10.03
CA LYS D 221 -15.98 -10.74 10.87
C LYS D 221 -16.34 -10.39 12.32
C10 7V7 E . 2.08 -0.37 49.16
C13 7V7 E . 3.64 1.06 47.18
C15 7V7 E . 5.40 2.91 47.18
C17 7V7 E . 7.19 3.03 45.56
C20 7V7 E . -0.95 -3.53 50.16
C21 7V7 E . -2.05 -2.67 50.24
C22 7V7 E . -3.12 -2.97 49.40
C24 7V7 E . -1.96 -4.94 48.54
C02 7V7 E . 0.30 -3.81 52.30
C03 7V7 E . -0.90 -4.65 52.79
C04 7V7 E . -0.80 -4.98 54.28
C06 7V7 E . 1.32 -2.50 50.44
C07 7V7 E . 2.22 -3.20 49.45
C08 7V7 E . 3.30 -2.18 48.92
C11 7V7 E . 0.89 -1.21 49.78
C12 7V7 E . 3.99 -0.25 47.96
C14 7V7 E . 4.88 1.76 46.57
C16 7V7 E . 6.52 3.55 46.67
C18 7V7 E . 6.68 1.90 44.94
C19 7V7 E . 5.54 1.26 45.46
C23 7V7 E . -3.04 -4.08 48.57
C25 7V7 E . -0.89 -4.65 49.38
N05 7V7 E . 0.19 -3.28 50.96
N09 7V7 E . 2.90 -1.04 48.32
O01 7V7 E . 1.31 -3.59 52.91
H102 7V7 E . 2.69 0.01 49.99
H101 7V7 E . 1.65 0.48 48.63
H131 7V7 E . 3.15 1.75 47.86
H132 7V7 E . 2.95 0.81 46.36
H151 7V7 E . 4.91 3.30 48.05
H171 7V7 E . 8.11 3.50 45.19
H211 7V7 E . -2.06 -1.82 50.90
H221 7V7 E . -3.99 -2.33 49.39
H241 7V7 E . -1.94 -5.81 47.90
H031 7V7 E . -1.81 -4.10 52.61
H032 7V7 E . -0.93 -5.58 52.23
H043 7V7 E . 0.12 -5.52 54.47
H041 7V7 E . -1.65 -5.58 54.58
H042 7V7 E . -0.80 -4.06 54.86
H061 7V7 E . 1.88 -2.33 51.35
H072 7V7 E . 1.62 -3.56 48.62
H071 7V7 E . 2.71 -4.04 49.93
H082 7V7 E . 3.92 -2.71 48.20
H081 7V7 E . 3.91 -1.89 49.77
H112 7V7 E . 0.20 -1.45 48.98
H111 7V7 E . 0.39 -0.60 50.52
H122 7V7 E . 4.53 0.02 48.85
H121 7V7 E . 4.63 -0.86 47.33
H161 7V7 E . 6.87 4.47 47.12
H181 7V7 E . 7.15 1.51 44.05
H191 7V7 E . 5.17 0.36 44.98
H231 7V7 E . -3.88 -4.28 47.91
H251 7V7 E . -0.03 -5.30 49.42
C10 7V7 F . -18.12 -12.16 -50.50
C13 7V7 F . -16.80 -11.41 -47.97
C15 7V7 F . -16.69 -10.09 -45.78
C17 7V7 F . -15.03 -8.40 -45.30
C20 7V7 F . -20.95 -14.98 -52.45
C21 7V7 F . -19.90 -15.73 -52.95
C22 7V7 F . -19.81 -17.06 -52.60
C24 7V7 F . -21.84 -16.88 -51.32
C02 7V7 F . -22.02 -13.00 -53.59
C03 7V7 F . -22.87 -14.02 -54.36
C04 7V7 F . -23.17 -13.36 -55.70
C06 7V7 F . -20.18 -12.64 -51.89
C07 7V7 F . -20.89 -12.22 -50.64
C08 7V7 F . -20.00 -11.40 -49.66
C11 7V7 F . -18.89 -13.23 -51.37
C12 7V7 F . -18.17 -10.94 -48.55
C14 7V7 F . -16.14 -10.33 -47.03
C16 7V7 F . -16.13 -9.15 -44.89
C18 7V7 F . -14.47 -8.66 -46.55
C19 7V7 F . -15.02 -9.61 -47.41
C23 7V7 F . -20.79 -17.63 -51.80
C25 7V7 F . -21.93 -15.54 -51.64
N05 7V7 F . -21.06 -13.56 -52.68
N09 7V7 F . -18.79 -11.88 -49.36
O01 7V7 F . -22.09 -11.81 -53.73
H102 7V7 F . -18.00 -11.25 -51.09
H101 7V7 F . -17.13 -12.56 -50.26
H131 7V7 F . -16.13 -11.61 -48.80
H132 7V7 F . -16.95 -12.33 -47.40
H151 7V7 F . -17.58 -10.63 -45.48
H171 7V7 F . -14.61 -7.63 -44.65
H211 7V7 F . -19.17 -15.28 -53.61
H221 7V7 F . -18.98 -17.66 -52.95
H241 7V7 F . -22.60 -17.33 -50.69
H031 7V7 F . -22.32 -14.94 -54.51
H032 7V7 F . -23.79 -14.23 -53.82
H043 7V7 F . -23.97 -12.64 -55.58
H041 7V7 F . -23.47 -14.11 -56.42
H042 7V7 F . -22.28 -12.84 -56.06
H061 7V7 F . -19.96 -11.85 -52.60
H072 7V7 F . -21.24 -13.11 -50.12
H071 7V7 F . -21.76 -11.62 -50.91
H082 7V7 F . -20.54 -11.30 -48.72
H081 7V7 F . -19.87 -10.42 -50.10
H112 7V7 F . -19.12 -14.10 -50.76
H111 7V7 F . -18.27 -13.54 -52.21
H122 7V7 F . -18.01 -10.04 -49.12
H121 7V7 F . -18.83 -10.72 -47.71
H161 7V7 F . -16.54 -9.02 -43.89
H181 7V7 F . -13.60 -8.09 -46.86
H191 7V7 F . -14.55 -9.79 -48.38
H231 7V7 F . -20.71 -18.68 -51.53
H251 7V7 F . -22.75 -14.94 -51.28
#